data_6LAD
#
_entry.id   6LAD
#
_cell.length_a   116.657
_cell.length_b   123.560
_cell.length_c   131.072
_cell.angle_alpha   90.000
_cell.angle_beta   90.000
_cell.angle_gamma   90.000
#
_symmetry.space_group_name_H-M   'P 21 21 21'
#
loop_
_entity.id
_entity.type
_entity.pdbx_description
1 polymer Amuc_1100
2 water water
#
_entity_poly.entity_id   1
_entity_poly.type   'polypeptide(L)'
_entity_poly.pdbx_seq_one_letter_code
;MIVNSKRSELDKKISIAAKEIKSANAAEITPSRSSNEELEKELNRYAKAVGSLETAYKPFLASSALVPTTPTAFQNELKT
FRDSLISSCKKKNILITDTSSWLGFQVYSTQAPSVQAASTLGFELKAINSLVNKLAECGLSKFIKVYRPQLPIETPANNP
EESDEADQAPWTPMPLEIAFQGDRESVLKAMNAITGMQDYLFTVNSIRIRNERMMPPPIANPAAAKPAAAQPATGAASLT
PADEAAAPAAPAIQQVIKPYMGKEQVFVQVSLNLVHFNQPKAQEPSEDLEHHHHHH
;
_entity_poly.pdbx_strand_id   A,B,C,D,E,F
#
# COMPACT_ATOMS: atom_id res chain seq x y z
N SER A 34 15.19 39.63 -18.14
CA SER A 34 16.52 39.61 -17.55
C SER A 34 16.61 38.57 -16.42
N SER A 35 15.73 38.67 -15.42
CA SER A 35 15.60 37.58 -14.47
C SER A 35 14.88 36.39 -15.07
N ASN A 36 14.14 36.60 -16.15
CA ASN A 36 13.55 35.48 -16.89
C ASN A 36 14.62 34.65 -17.58
N GLU A 37 15.54 35.31 -18.30
CA GLU A 37 16.62 34.58 -18.94
C GLU A 37 17.57 33.94 -17.94
N GLU A 38 17.81 34.60 -16.80
CA GLU A 38 18.62 33.97 -15.74
C GLU A 38 18.01 32.63 -15.32
N LEU A 39 16.70 32.63 -15.06
CA LEU A 39 16.01 31.40 -14.68
C LEU A 39 16.03 30.38 -15.81
N GLU A 40 15.87 30.85 -17.05
CA GLU A 40 15.89 29.93 -18.19
C GLU A 40 17.25 29.26 -18.32
N LYS A 41 18.32 30.03 -18.15
CA LYS A 41 19.67 29.49 -18.19
C LYS A 41 19.84 28.44 -17.10
N GLU A 42 19.41 28.75 -15.88
CA GLU A 42 19.55 27.77 -14.80
C GLU A 42 18.73 26.50 -15.07
N LEU A 43 17.48 26.66 -15.54
CA LEU A 43 16.64 25.48 -15.73
C LEU A 43 17.19 24.60 -16.85
N ASN A 44 17.69 25.20 -17.93
CA ASN A 44 18.28 24.38 -18.97
C ASN A 44 19.59 23.74 -18.49
N ARG A 45 20.34 24.43 -17.63
CA ARG A 45 21.52 23.81 -17.05
C ARG A 45 21.15 22.56 -16.25
N TYR A 46 20.13 22.69 -15.39
CA TYR A 46 19.66 21.56 -14.60
C TYR A 46 19.13 20.43 -15.48
N ALA A 47 18.39 20.77 -16.54
CA ALA A 47 17.85 19.73 -17.40
C ALA A 47 18.97 18.94 -18.06
N LYS A 48 20.01 19.61 -18.52
CA LYS A 48 21.14 18.88 -19.06
C LYS A 48 21.90 18.11 -17.98
N ALA A 49 21.97 18.64 -16.75
CA ALA A 49 22.65 17.95 -15.67
C ALA A 49 21.99 16.61 -15.36
N VAL A 50 20.66 16.61 -15.24
CA VAL A 50 19.94 15.36 -14.97
C VAL A 50 20.08 14.42 -16.17
N GLY A 51 19.96 14.97 -17.38
CA GLY A 51 20.05 14.15 -18.59
C GLY A 51 21.39 13.45 -18.76
N SER A 52 22.46 14.04 -18.27
CA SER A 52 23.77 13.42 -18.39
C SER A 52 23.97 12.28 -17.41
N LEU A 53 23.00 12.03 -16.53
CA LEU A 53 23.11 10.97 -15.56
C LEU A 53 22.75 9.63 -16.16
N GLU A 54 23.48 8.60 -15.74
CA GLU A 54 23.09 7.23 -16.06
C GLU A 54 21.69 6.95 -15.52
N THR A 55 20.81 6.44 -16.38
CA THR A 55 19.39 6.30 -16.06
C THR A 55 19.15 5.38 -14.85
N ALA A 56 20.23 4.79 -14.32
CA ALA A 56 20.12 3.97 -13.12
C ALA A 56 19.86 4.81 -11.88
N TYR A 57 20.23 6.09 -11.90
CA TYR A 57 20.00 7.00 -10.80
C TYR A 57 18.57 7.49 -10.70
N LYS A 58 17.66 7.08 -11.59
CA LYS A 58 16.32 7.67 -11.56
C LYS A 58 15.60 7.51 -10.23
N PRO A 59 15.60 6.34 -9.57
CA PRO A 59 14.85 6.23 -8.31
C PRO A 59 15.36 7.14 -7.22
N PHE A 60 16.63 7.57 -7.28
CA PHE A 60 17.21 8.42 -6.24
C PHE A 60 16.96 9.91 -6.44
N LEU A 61 16.48 10.32 -7.61
CA LEU A 61 16.33 11.75 -7.90
C LEU A 61 15.25 12.43 -7.08
N ALA A 62 14.12 11.77 -6.84
CA ALA A 62 12.99 12.42 -6.16
C ALA A 62 13.40 12.93 -4.78
N SER A 63 14.10 12.10 -4.01
CA SER A 63 14.41 12.47 -2.64
C SER A 63 15.49 13.54 -2.56
N SER A 64 16.18 13.83 -3.66
CA SER A 64 17.15 14.92 -3.62
C SER A 64 16.50 16.29 -3.74
N ALA A 65 15.22 16.37 -4.09
CA ALA A 65 14.56 17.66 -4.10
C ALA A 65 14.52 18.24 -2.69
N LEU A 66 14.83 19.52 -2.59
CA LEU A 66 14.88 20.22 -1.31
C LEU A 66 13.50 20.72 -0.93
N VAL A 67 13.14 20.54 0.33
CA VAL A 67 11.88 21.03 0.87
C VAL A 67 12.16 22.31 1.66
N PRO A 68 11.43 23.39 1.42
CA PRO A 68 11.64 24.62 2.21
C PRO A 68 11.53 24.32 3.68
N THR A 69 12.52 24.77 4.43
CA THR A 69 12.66 24.39 5.83
C THR A 69 13.30 25.56 6.57
N THR A 70 12.63 26.07 7.59
CA THR A 70 13.29 27.03 8.46
C THR A 70 14.24 26.27 9.38
N PRO A 71 15.23 26.95 9.97
CA PRO A 71 16.07 26.24 10.94
C PRO A 71 15.29 25.59 12.06
N THR A 72 14.19 26.23 12.51
CA THR A 72 13.39 25.63 13.57
C THR A 72 12.66 24.40 13.08
N ALA A 73 12.08 24.47 11.89
CA ALA A 73 11.45 23.28 11.33
C ALA A 73 12.46 22.13 11.27
N PHE A 74 13.69 22.44 10.86
CA PHE A 74 14.74 21.41 10.85
C PHE A 74 14.99 20.85 12.24
N GLN A 75 15.15 21.73 13.24
CA GLN A 75 15.41 21.26 14.59
C GLN A 75 14.29 20.38 15.11
N ASN A 76 13.04 20.73 14.79
CA ASN A 76 11.91 19.92 15.21
C ASN A 76 11.94 18.54 14.57
N GLU A 77 12.20 18.48 13.26
CA GLU A 77 12.28 17.19 12.57
C GLU A 77 13.42 16.36 13.14
N LEU A 78 14.53 17.01 13.49
CA LEU A 78 15.65 16.31 14.09
C LEU A 78 15.25 15.67 15.41
N LYS A 79 14.60 16.45 16.29
CA LYS A 79 14.26 15.92 17.61
C LYS A 79 13.18 14.84 17.53
N THR A 80 12.23 14.98 16.59
CA THR A 80 11.25 13.92 16.40
C THR A 80 11.88 12.63 15.88
N PHE A 81 12.78 12.74 14.88
CA PHE A 81 13.47 11.54 14.40
C PHE A 81 14.24 10.88 15.53
N ARG A 82 14.89 11.68 16.38
CA ARG A 82 15.64 11.10 17.50
C ARG A 82 14.71 10.40 18.48
N ASP A 83 13.54 10.97 18.75
CA ASP A 83 12.59 10.29 19.64
C ASP A 83 12.14 8.97 19.03
N SER A 84 11.75 8.98 17.74
CA SER A 84 11.33 7.75 17.08
C SER A 84 12.43 6.70 17.13
N LEU A 85 13.67 7.10 16.84
CA LEU A 85 14.76 6.14 16.80
C LEU A 85 14.99 5.54 18.18
N ILE A 86 15.03 6.39 19.22
CA ILE A 86 15.24 5.86 20.56
C ILE A 86 14.11 4.91 20.95
N SER A 87 12.88 5.26 20.62
CA SER A 87 11.76 4.39 20.93
C SER A 87 11.86 3.07 20.18
N SER A 88 12.21 3.12 18.89
CA SER A 88 12.31 1.91 18.10
C SER A 88 13.42 1.00 18.63
N CYS A 89 14.56 1.60 19.00
CA CYS A 89 15.66 0.81 19.53
C CYS A 89 15.30 0.21 20.88
N LYS A 90 14.53 0.94 21.70
CA LYS A 90 14.02 0.35 22.92
C LYS A 90 13.18 -0.88 22.60
N LYS A 91 12.22 -0.75 21.69
CA LYS A 91 11.36 -1.87 21.36
C LYS A 91 12.16 -3.05 20.83
N LYS A 92 13.21 -2.79 20.07
CA LYS A 92 13.95 -3.85 19.39
C LYS A 92 15.12 -4.41 20.19
N ASN A 93 15.35 -3.94 21.42
CA ASN A 93 16.47 -4.40 22.24
C ASN A 93 17.80 -4.07 21.58
N ILE A 94 17.95 -2.82 21.14
CA ILE A 94 19.18 -2.30 20.54
C ILE A 94 19.66 -1.15 21.40
N LEU A 95 20.90 -1.25 21.87
CA LEU A 95 21.50 -0.15 22.63
C LEU A 95 21.94 0.94 21.67
N ILE A 96 21.69 2.19 22.06
CA ILE A 96 22.08 3.30 21.21
C ILE A 96 22.61 4.43 22.08
N THR A 97 23.87 4.82 21.84
CA THR A 97 24.51 5.90 22.59
C THR A 97 23.78 7.21 22.33
N ASP A 98 23.95 8.16 23.25
CA ASP A 98 23.22 9.41 23.07
C ASP A 98 23.72 10.17 21.85
N THR A 99 25.01 10.05 21.51
CA THR A 99 25.51 10.79 20.35
C THR A 99 24.97 10.20 19.06
N SER A 100 24.90 8.86 18.97
CA SER A 100 24.32 8.22 17.80
C SER A 100 22.91 8.72 17.55
N SER A 101 22.09 8.83 18.60
CA SER A 101 20.69 9.14 18.46
C SER A 101 20.46 10.53 17.84
N TRP A 102 21.47 11.38 17.79
CA TRP A 102 21.32 12.67 17.12
C TRP A 102 21.61 12.60 15.63
N LEU A 103 21.89 11.40 15.09
CA LEU A 103 21.93 11.15 13.64
C LEU A 103 22.99 11.99 12.93
N GLY A 104 24.05 12.34 13.65
CA GLY A 104 25.10 13.18 13.12
C GLY A 104 24.83 14.66 13.21
N PHE A 105 23.76 15.07 13.88
CA PHE A 105 23.38 16.48 13.94
C PHE A 105 23.31 17.01 15.37
N GLN A 106 24.10 16.45 16.30
CA GLN A 106 24.03 16.92 17.68
C GLN A 106 24.31 18.42 17.80
N VAL A 107 25.18 18.98 16.95
CA VAL A 107 25.48 20.41 17.00
C VAL A 107 24.21 21.24 16.89
N TYR A 108 23.12 20.68 16.36
CA TYR A 108 21.90 21.47 16.19
C TYR A 108 20.82 21.06 17.20
N SER A 109 21.20 20.34 18.26
CA SER A 109 20.21 19.95 19.27
C SER A 109 19.68 21.15 20.05
N THR A 110 20.52 22.16 20.28
CA THR A 110 20.07 23.41 20.92
C THR A 110 20.26 24.63 20.04
N GLN A 111 21.35 24.70 19.27
CA GLN A 111 21.58 25.84 18.38
C GLN A 111 21.02 25.51 17.01
N ALA A 112 20.17 26.39 16.51
CA ALA A 112 19.57 26.18 15.20
C ALA A 112 20.61 26.34 14.09
N PRO A 113 20.46 25.63 12.97
CA PRO A 113 21.38 25.80 11.84
C PRO A 113 21.12 27.10 11.10
N SER A 114 21.99 27.40 10.15
CA SER A 114 21.87 28.62 9.37
C SER A 114 20.64 28.54 8.47
N VAL A 115 20.10 29.71 8.12
CA VAL A 115 18.95 29.75 7.23
C VAL A 115 19.30 29.17 5.87
N GLN A 116 20.53 29.38 5.42
CA GLN A 116 20.90 28.98 4.08
C GLN A 116 21.06 27.47 3.97
N ALA A 117 21.41 26.82 5.08
CA ALA A 117 21.78 25.41 5.09
C ALA A 117 20.65 24.47 5.51
N ALA A 118 19.50 24.98 5.95
CA ALA A 118 18.49 24.12 6.55
C ALA A 118 17.92 23.10 5.55
N SER A 119 17.62 23.53 4.32
CA SER A 119 17.13 22.60 3.30
C SER A 119 18.08 21.42 3.11
N THR A 120 19.35 21.72 2.84
CA THR A 120 20.31 20.66 2.56
C THR A 120 20.48 19.76 3.77
N LEU A 121 20.56 20.34 4.96
CA LEU A 121 20.63 19.53 6.16
C LEU A 121 19.37 18.68 6.31
N GLY A 122 18.21 19.20 5.91
CA GLY A 122 16.99 18.41 5.98
C GLY A 122 17.05 17.22 5.07
N PHE A 123 17.61 17.40 3.88
CA PHE A 123 17.86 16.25 3.01
C PHE A 123 18.77 15.24 3.70
N GLU A 124 19.92 15.69 4.19
CA GLU A 124 20.89 14.74 4.75
C GLU A 124 20.31 14.04 5.98
N LEU A 125 19.52 14.76 6.76
CA LEU A 125 18.87 14.20 7.94
C LEU A 125 17.85 13.14 7.56
N LYS A 126 17.02 13.43 6.55
CA LYS A 126 16.07 12.42 6.07
C LYS A 126 16.79 11.18 5.57
N ALA A 127 17.90 11.37 4.83
CA ALA A 127 18.62 10.24 4.29
C ALA A 127 19.19 9.37 5.41
N ILE A 128 19.88 10.00 6.36
CA ILE A 128 20.51 9.25 7.44
C ILE A 128 19.45 8.59 8.31
N ASN A 129 18.30 9.23 8.49
CA ASN A 129 17.23 8.64 9.28
C ASN A 129 16.75 7.35 8.62
N SER A 130 16.52 7.42 7.30
CA SER A 130 16.15 6.24 6.54
C SER A 130 17.21 5.13 6.65
N LEU A 131 18.49 5.51 6.53
CA LEU A 131 19.56 4.51 6.56
C LEU A 131 19.64 3.82 7.92
N VAL A 132 19.61 4.62 9.01
CA VAL A 132 19.74 4.03 10.34
C VAL A 132 18.53 3.17 10.66
N ASN A 133 17.33 3.57 10.21
CA ASN A 133 16.19 2.70 10.48
C ASN A 133 16.30 1.37 9.72
N LYS A 134 16.80 1.40 8.47
CA LYS A 134 17.02 0.14 7.76
C LYS A 134 18.03 -0.72 8.52
N LEU A 135 19.09 -0.11 9.03
CA LEU A 135 20.06 -0.85 9.82
C LEU A 135 19.44 -1.39 11.10
N ALA A 136 18.49 -0.66 11.68
CA ALA A 136 17.81 -1.11 12.88
C ALA A 136 16.97 -2.34 12.60
N GLU A 137 16.66 -2.63 11.35
CA GLU A 137 15.90 -3.85 11.10
C GLU A 137 16.78 -5.10 10.97
N CYS A 138 18.10 -4.97 11.09
CA CYS A 138 19.01 -6.06 10.76
C CYS A 138 19.44 -6.93 11.95
N GLY A 139 18.87 -6.73 13.14
CA GLY A 139 19.28 -7.55 14.27
C GLY A 139 20.64 -7.19 14.84
N LEU A 140 21.09 -5.96 14.65
CA LEU A 140 22.27 -5.47 15.32
C LEU A 140 22.02 -5.48 16.82
N SER A 141 23.07 -5.23 17.59
CA SER A 141 22.94 -5.13 19.03
C SER A 141 23.32 -3.78 19.59
N LYS A 142 24.09 -2.95 18.87
CA LYS A 142 24.37 -1.63 19.40
C LYS A 142 24.68 -0.65 18.27
N PHE A 143 24.09 0.54 18.33
CA PHE A 143 24.50 1.68 17.51
C PHE A 143 25.47 2.51 18.33
N ILE A 144 26.72 2.62 17.89
CA ILE A 144 27.77 3.24 18.67
C ILE A 144 28.04 4.68 18.26
N LYS A 145 28.09 4.96 16.96
CA LYS A 145 28.48 6.27 16.48
C LYS A 145 27.80 6.58 15.16
N VAL A 146 27.36 7.82 15.00
CA VAL A 146 26.93 8.36 13.70
C VAL A 146 27.66 9.69 13.56
N TYR A 147 28.81 9.67 12.90
CA TYR A 147 29.66 10.85 12.78
C TYR A 147 29.46 11.45 11.39
N ARG A 148 29.28 12.77 11.34
CA ARG A 148 28.92 13.48 10.13
C ARG A 148 29.76 14.74 9.98
N PRO A 149 30.80 14.73 9.16
CA PRO A 149 31.53 15.98 8.90
C PRO A 149 30.58 17.03 8.37
N GLN A 150 30.86 18.28 8.71
CA GLN A 150 29.96 19.34 8.28
C GLN A 150 30.10 19.59 6.79
N LEU A 151 28.99 19.97 6.17
CA LEU A 151 28.99 20.26 4.74
C LEU A 151 29.50 21.68 4.51
N PRO A 152 29.97 21.98 3.30
CA PRO A 152 30.42 23.35 3.01
C PRO A 152 29.39 24.41 3.33
N ILE A 153 28.11 24.14 3.05
CA ILE A 153 27.07 25.16 3.18
C ILE A 153 26.82 25.53 4.65
N GLU A 154 27.24 24.68 5.59
CA GLU A 154 27.09 25.02 7.00
C GLU A 154 28.10 26.08 7.42
N THR A 155 29.28 26.06 6.80
CA THR A 155 30.40 26.95 7.13
C THR A 155 30.71 27.88 5.97
N PRO A 156 30.11 29.08 5.90
CA PRO A 156 30.48 30.01 4.83
C PRO A 156 31.96 30.39 4.84
N ALA A 157 32.69 29.98 5.89
CA ALA A 157 34.01 30.52 6.23
C ALA A 157 35.11 30.03 5.28
N ASN A 158 35.33 28.71 5.26
CA ASN A 158 36.42 28.10 4.52
C ASN A 158 36.02 27.78 3.09
N ASN A 159 35.31 28.71 2.44
CA ASN A 159 34.84 28.53 1.06
C ASN A 159 35.64 29.37 0.06
N GLU A 165 28.99 30.79 -10.18
CA GLU A 165 28.30 30.97 -11.47
C GLU A 165 29.05 30.30 -12.62
N ALA A 166 29.66 29.15 -12.32
CA ALA A 166 30.39 28.37 -13.31
C ALA A 166 29.71 27.02 -13.51
N ASP A 167 30.49 25.93 -13.51
CA ASP A 167 29.93 24.59 -13.65
C ASP A 167 29.46 24.05 -12.30
N GLN A 168 28.30 23.40 -12.31
CA GLN A 168 27.81 22.68 -11.15
C GLN A 168 27.93 21.18 -11.42
N ALA A 169 28.32 20.44 -10.39
CA ALA A 169 28.48 19.00 -10.55
C ALA A 169 27.11 18.34 -10.64
N PRO A 170 27.03 17.18 -11.33
CA PRO A 170 25.73 16.48 -11.39
C PRO A 170 25.30 15.93 -10.04
N TRP A 171 26.25 15.60 -9.18
CA TRP A 171 25.94 15.19 -7.82
C TRP A 171 27.12 15.55 -6.93
N THR A 172 26.86 15.59 -5.63
CA THR A 172 27.85 15.94 -4.62
C THR A 172 27.83 14.89 -3.51
N PRO A 173 29.00 14.48 -3.03
CA PRO A 173 29.02 13.55 -1.90
C PRO A 173 28.92 14.27 -0.57
N MET A 174 28.30 13.58 0.38
CA MET A 174 28.16 14.03 1.76
C MET A 174 28.69 12.91 2.64
N PRO A 175 29.82 13.10 3.32
CA PRO A 175 30.43 11.97 4.02
C PRO A 175 29.76 11.68 5.34
N LEU A 176 29.85 10.43 5.76
CA LEU A 176 29.56 10.11 7.15
C LEU A 176 30.21 8.78 7.48
N GLU A 177 30.28 8.51 8.77
CA GLU A 177 30.87 7.30 9.29
C GLU A 177 29.95 6.78 10.37
N ILE A 178 29.56 5.52 10.28
CA ILE A 178 28.70 4.92 11.29
C ILE A 178 29.48 3.77 11.93
N ALA A 179 29.12 3.47 13.17
CA ALA A 179 29.73 2.37 13.88
C ALA A 179 28.65 1.63 14.64
N PHE A 180 28.70 0.31 14.60
CA PHE A 180 27.71 -0.49 15.30
C PHE A 180 28.36 -1.80 15.71
N GLN A 181 27.59 -2.62 16.40
CA GLN A 181 28.07 -3.87 16.95
C GLN A 181 26.99 -4.92 16.75
N GLY A 182 27.41 -6.10 16.30
CA GLY A 182 26.49 -7.21 16.15
C GLY A 182 27.20 -8.46 15.67
N ASP A 183 26.45 -9.55 15.57
CA ASP A 183 27.02 -10.80 15.10
C ASP A 183 27.15 -10.78 13.58
N ARG A 184 27.75 -11.82 13.00
CA ARG A 184 28.04 -11.81 11.57
C ARG A 184 26.77 -11.76 10.74
N GLU A 185 25.75 -12.51 11.15
CA GLU A 185 24.48 -12.51 10.42
C GLU A 185 23.95 -11.07 10.27
N SER A 186 23.94 -10.33 11.37
CA SER A 186 23.44 -8.96 11.33
C SER A 186 24.36 -8.04 10.53
N VAL A 187 25.67 -8.27 10.54
CA VAL A 187 26.56 -7.40 9.77
C VAL A 187 26.33 -7.58 8.28
N LEU A 188 26.18 -8.83 7.83
CA LEU A 188 25.88 -9.05 6.43
C LEU A 188 24.53 -8.45 6.06
N LYS A 189 23.51 -8.64 6.92
CA LYS A 189 22.22 -8.01 6.67
C LYS A 189 22.37 -6.49 6.56
N ALA A 190 23.24 -5.90 7.37
CA ALA A 190 23.43 -4.45 7.32
C ALA A 190 24.02 -4.03 6.00
N MET A 191 25.05 -4.74 5.52
CA MET A 191 25.61 -4.41 4.21
C MET A 191 24.54 -4.48 3.13
N ASN A 192 23.77 -5.57 3.11
CA ASN A 192 22.71 -5.68 2.11
C ASN A 192 21.66 -4.59 2.27
N ALA A 193 21.34 -4.22 3.51
CA ALA A 193 20.33 -3.20 3.73
C ALA A 193 20.76 -1.89 3.10
N ILE A 194 22.02 -1.50 3.31
CA ILE A 194 22.54 -0.31 2.65
C ILE A 194 22.46 -0.47 1.13
N THR A 195 22.92 -1.61 0.61
CA THR A 195 22.98 -1.78 -0.83
C THR A 195 21.60 -1.77 -1.46
N GLY A 196 20.60 -2.34 -0.78
CA GLY A 196 19.29 -2.40 -1.41
C GLY A 196 18.45 -1.14 -1.36
N MET A 197 18.94 -0.06 -0.78
CA MET A 197 18.10 1.13 -0.61
C MET A 197 17.74 1.73 -1.96
N GLN A 198 16.47 2.07 -2.12
CA GLN A 198 15.99 2.67 -3.35
C GLN A 198 15.68 4.15 -3.22
N ASP A 199 15.62 4.70 -2.00
CA ASP A 199 15.25 6.10 -1.81
C ASP A 199 16.44 7.04 -1.70
N TYR A 200 17.54 6.62 -1.09
CA TYR A 200 18.74 7.44 -0.96
C TYR A 200 19.96 6.62 -1.34
N LEU A 201 20.93 7.26 -2.00
CA LEU A 201 22.10 6.56 -2.50
C LEU A 201 23.26 6.79 -1.55
N PHE A 202 23.62 5.75 -0.80
CA PHE A 202 24.82 5.70 0.03
C PHE A 202 25.80 4.71 -0.60
N THR A 203 27.05 5.15 -0.86
CA THR A 203 28.07 4.21 -1.33
C THR A 203 29.01 3.89 -0.17
N VAL A 204 29.49 2.65 -0.13
CA VAL A 204 30.32 2.15 0.96
C VAL A 204 31.78 2.28 0.53
N ASN A 205 32.47 3.19 1.20
CA ASN A 205 33.89 3.40 0.91
C ASN A 205 34.76 2.40 1.64
N SER A 206 34.45 2.07 2.90
CA SER A 206 35.28 1.04 3.54
C SER A 206 34.60 0.48 4.79
N ILE A 207 34.97 -0.77 5.12
CA ILE A 207 34.52 -1.43 6.34
C ILE A 207 35.73 -1.85 7.17
N ARG A 208 35.66 -1.64 8.47
CA ARG A 208 36.67 -2.11 9.39
C ARG A 208 36.01 -2.94 10.49
N ILE A 209 36.62 -4.08 10.81
CA ILE A 209 36.11 -5.02 11.79
C ILE A 209 37.11 -5.10 12.93
N ARG A 210 36.64 -4.86 14.15
CA ARG A 210 37.45 -4.92 15.37
C ARG A 210 36.72 -5.74 16.44
N ASN A 211 37.41 -5.95 17.56
CA ASN A 211 36.84 -6.65 18.71
C ASN A 211 35.78 -5.80 19.39
N GLU A 212 34.80 -6.48 19.98
CA GLU A 212 33.56 -5.84 20.41
C GLU A 212 33.82 -4.71 21.42
N ARG A 213 33.04 -3.63 21.28
CA ARG A 213 33.17 -2.46 22.15
C ARG A 213 31.84 -2.14 22.82
N LYS A 263 24.75 -14.67 18.32
CA LYS A 263 26.06 -15.31 18.32
C LYS A 263 27.17 -14.37 18.77
N GLU A 264 28.37 -14.54 18.22
CA GLU A 264 29.55 -13.81 18.65
C GLU A 264 29.59 -12.41 18.05
N GLN A 265 29.86 -11.42 18.90
CA GLN A 265 29.73 -10.00 18.56
C GLN A 265 31.01 -9.45 17.94
N VAL A 266 30.85 -8.61 16.91
CA VAL A 266 31.96 -7.89 16.28
C VAL A 266 31.60 -6.41 16.19
N PHE A 267 32.63 -5.57 16.18
CA PHE A 267 32.50 -4.11 16.11
C PHE A 267 32.82 -3.65 14.69
N VAL A 268 31.84 -3.03 14.04
CA VAL A 268 31.94 -2.64 12.64
C VAL A 268 31.97 -1.12 12.53
N GLN A 269 32.86 -0.62 11.69
CA GLN A 269 32.88 0.80 11.35
C GLN A 269 32.81 0.91 9.84
N VAL A 270 31.84 1.69 9.36
CA VAL A 270 31.56 1.83 7.94
C VAL A 270 31.74 3.29 7.54
N SER A 271 32.56 3.51 6.53
CA SER A 271 32.80 4.83 5.94
C SER A 271 32.00 4.93 4.65
N LEU A 272 31.10 5.94 4.58
CA LEU A 272 30.11 6.07 3.50
C LEU A 272 30.09 7.48 2.92
N ASN A 273 29.60 7.57 1.68
CA ASN A 273 29.20 8.81 1.05
C ASN A 273 27.72 8.73 0.69
N LEU A 274 26.97 9.74 1.11
CA LEU A 274 25.62 9.95 0.65
C LEU A 274 25.68 10.80 -0.61
N VAL A 275 24.95 10.43 -1.65
CA VAL A 275 25.00 11.17 -2.90
C VAL A 275 23.80 12.12 -2.95
N HIS A 276 24.07 13.42 -3.06
CA HIS A 276 23.00 14.39 -3.27
C HIS A 276 23.03 14.87 -4.71
N PHE A 277 21.94 14.64 -5.43
CA PHE A 277 21.85 15.01 -6.84
C PHE A 277 21.51 16.50 -7.00
N ASN A 278 22.16 17.13 -7.98
CA ASN A 278 22.15 18.59 -8.09
C ASN A 278 20.73 19.12 -8.33
N GLN A 279 20.40 20.21 -7.64
CA GLN A 279 19.09 20.82 -7.73
C GLN A 279 19.15 22.20 -8.38
N PRO A 280 18.07 22.61 -9.05
CA PRO A 280 17.99 23.98 -9.55
C PRO A 280 17.68 24.95 -8.41
N LYS A 281 18.26 26.14 -8.51
CA LYS A 281 18.02 27.21 -7.55
C LYS A 281 17.38 28.41 -8.26
N ALA A 282 16.47 29.09 -7.57
CA ALA A 282 15.82 30.28 -8.11
C ALA A 282 15.52 31.23 -6.96
N GLN A 283 16.13 32.42 -6.99
CA GLN A 283 15.89 33.43 -5.98
C GLN A 283 14.53 34.11 -6.20
N GLU A 284 14.01 34.71 -5.15
CA GLU A 284 12.73 35.42 -5.20
C GLU A 284 12.78 36.57 -6.20
N SER B 35 40.38 -13.82 12.87
CA SER B 35 39.17 -14.01 12.08
C SER B 35 38.48 -12.68 11.81
N ASN B 36 38.85 -11.65 12.57
CA ASN B 36 38.36 -10.31 12.28
C ASN B 36 38.91 -9.83 10.93
N GLU B 37 40.20 -10.01 10.71
CA GLU B 37 40.78 -9.63 9.42
C GLU B 37 40.16 -10.43 8.29
N GLU B 38 39.86 -11.70 8.53
CA GLU B 38 39.19 -12.54 7.53
C GLU B 38 37.86 -11.92 7.09
N LEU B 39 37.01 -11.58 8.06
CA LEU B 39 35.72 -10.99 7.76
C LEU B 39 35.87 -9.61 7.14
N GLU B 40 36.83 -8.81 7.61
CA GLU B 40 37.03 -7.47 7.07
C GLU B 40 37.45 -7.51 5.61
N LYS B 41 38.41 -8.39 5.27
CA LYS B 41 38.78 -8.53 3.87
C LYS B 41 37.59 -8.99 3.05
N GLU B 42 36.83 -9.95 3.58
CA GLU B 42 35.68 -10.45 2.83
C GLU B 42 34.68 -9.33 2.57
N LEU B 43 34.40 -8.52 3.60
CA LEU B 43 33.40 -7.47 3.47
C LEU B 43 33.86 -6.36 2.54
N ASN B 44 35.14 -6.00 2.58
CA ASN B 44 35.62 -4.99 1.66
C ASN B 44 35.65 -5.51 0.23
N ARG B 45 35.98 -6.79 0.06
CA ARG B 45 35.94 -7.39 -1.28
C ARG B 45 34.53 -7.30 -1.83
N TYR B 46 33.54 -7.66 -1.01
CA TYR B 46 32.15 -7.56 -1.45
C TYR B 46 31.76 -6.11 -1.71
N ALA B 47 32.21 -5.19 -0.86
CA ALA B 47 31.87 -3.77 -1.03
C ALA B 47 32.40 -3.26 -2.35
N LYS B 48 33.61 -3.66 -2.72
CA LYS B 48 34.17 -3.26 -4.01
C LYS B 48 33.41 -3.93 -5.15
N ALA B 49 32.95 -5.16 -4.94
CA ALA B 49 32.17 -5.83 -5.98
C ALA B 49 30.85 -5.08 -6.25
N VAL B 50 30.14 -4.69 -5.19
CA VAL B 50 28.87 -3.99 -5.37
C VAL B 50 29.08 -2.63 -6.03
N GLY B 51 30.15 -1.92 -5.64
CA GLY B 51 30.40 -0.61 -6.22
C GLY B 51 30.64 -0.64 -7.72
N SER B 52 31.23 -1.72 -8.23
CA SER B 52 31.53 -1.82 -9.66
C SER B 52 30.33 -2.21 -10.50
N LEU B 53 29.19 -2.50 -9.89
CA LEU B 53 28.00 -2.79 -10.67
C LEU B 53 27.34 -1.50 -11.09
N GLU B 54 26.84 -1.49 -12.32
CA GLU B 54 25.99 -0.41 -12.77
C GLU B 54 24.86 -0.25 -11.77
N THR B 55 24.62 0.97 -11.31
CA THR B 55 23.69 1.19 -10.21
C THR B 55 22.26 0.71 -10.51
N ALA B 56 22.01 0.25 -11.73
CA ALA B 56 20.71 -0.31 -12.12
C ALA B 56 20.50 -1.70 -11.55
N TYR B 57 21.59 -2.43 -11.30
CA TYR B 57 21.53 -3.76 -10.73
C TYR B 57 21.25 -3.75 -9.23
N LYS B 58 21.08 -2.56 -8.64
CA LYS B 58 20.91 -2.45 -7.20
C LYS B 58 19.71 -3.23 -6.67
N PRO B 59 18.51 -3.17 -7.27
CA PRO B 59 17.40 -3.98 -6.74
C PRO B 59 17.64 -5.48 -6.85
N PHE B 60 18.49 -5.93 -7.77
CA PHE B 60 18.71 -7.37 -7.90
C PHE B 60 19.72 -7.88 -6.88
N LEU B 61 20.52 -6.98 -6.31
CA LEU B 61 21.45 -7.35 -5.25
C LEU B 61 20.70 -7.67 -3.97
N ALA B 62 19.63 -6.91 -3.69
CA ALA B 62 18.90 -7.11 -2.45
C ALA B 62 18.40 -8.54 -2.37
N SER B 63 17.74 -9.02 -3.43
CA SER B 63 17.08 -10.30 -3.40
C SER B 63 18.04 -11.48 -3.54
N SER B 64 19.31 -11.24 -3.90
CA SER B 64 20.27 -12.34 -3.94
C SER B 64 20.83 -12.70 -2.57
N ALA B 65 20.57 -11.89 -1.55
CA ALA B 65 21.03 -12.22 -0.21
C ALA B 65 20.40 -13.53 0.23
N LEU B 66 21.21 -14.39 0.82
CA LEU B 66 20.74 -15.71 1.25
C LEU B 66 20.15 -15.62 2.65
N VAL B 67 19.03 -16.31 2.83
CA VAL B 67 18.35 -16.41 4.12
C VAL B 67 18.65 -17.78 4.69
N PRO B 68 19.06 -17.89 5.96
CA PRO B 68 19.28 -19.21 6.57
C PRO B 68 18.06 -20.10 6.43
N THR B 69 18.28 -21.32 5.96
CA THR B 69 17.19 -22.20 5.57
C THR B 69 17.60 -23.63 5.91
N THR B 70 16.81 -24.31 6.75
CA THR B 70 17.05 -25.74 6.90
C THR B 70 16.48 -26.46 5.69
N PRO B 71 16.94 -27.69 5.42
CA PRO B 71 16.32 -28.46 4.33
C PRO B 71 14.83 -28.64 4.51
N THR B 72 14.39 -28.80 5.76
CA THR B 72 12.96 -28.96 6.03
C THR B 72 12.21 -27.67 5.74
N ALA B 73 12.76 -26.53 6.16
CA ALA B 73 12.15 -25.24 5.85
C ALA B 73 12.03 -25.03 4.35
N PHE B 74 13.08 -25.39 3.60
CA PHE B 74 13.02 -25.30 2.15
C PHE B 74 11.91 -26.17 1.59
N GLN B 75 11.82 -27.41 2.05
CA GLN B 75 10.79 -28.30 1.54
C GLN B 75 9.40 -27.75 1.83
N ASN B 76 9.20 -27.17 3.01
CA ASN B 76 7.91 -26.60 3.37
C ASN B 76 7.55 -25.46 2.45
N GLU B 77 8.52 -24.57 2.19
CA GLU B 77 8.30 -23.47 1.26
C GLU B 77 7.99 -24.00 -0.15
N LEU B 78 8.68 -25.06 -0.57
CA LEU B 78 8.41 -25.63 -1.89
C LEU B 78 6.98 -26.13 -2.00
N LYS B 79 6.54 -26.89 -1.01
CA LYS B 79 5.18 -27.45 -1.09
C LYS B 79 4.13 -26.35 -0.95
N THR B 80 4.39 -25.32 -0.14
CA THR B 80 3.44 -24.22 -0.06
C THR B 80 3.36 -23.44 -1.37
N PHE B 81 4.51 -23.14 -1.99
CA PHE B 81 4.51 -22.46 -3.28
C PHE B 81 3.75 -23.29 -4.31
N ARG B 82 3.95 -24.62 -4.30
CA ARG B 82 3.24 -25.47 -5.24
C ARG B 82 1.74 -25.46 -5.00
N ASP B 83 1.32 -25.50 -3.75
CA ASP B 83 -0.11 -25.46 -3.45
C ASP B 83 -0.72 -24.15 -3.95
N SER B 84 -0.05 -23.03 -3.66
CA SER B 84 -0.52 -21.73 -4.12
C SER B 84 -0.60 -21.69 -5.64
N LEU B 85 0.40 -22.23 -6.32
CA LEU B 85 0.42 -22.20 -7.78
C LEU B 85 -0.70 -23.03 -8.36
N ILE B 86 -0.91 -24.24 -7.84
CA ILE B 86 -1.99 -25.10 -8.32
C ILE B 86 -3.35 -24.44 -8.09
N SER B 87 -3.53 -23.84 -6.92
CA SER B 87 -4.80 -23.19 -6.63
C SER B 87 -5.01 -22.00 -7.55
N SER B 88 -3.96 -21.21 -7.79
CA SER B 88 -4.08 -20.05 -8.65
C SER B 88 -4.40 -20.47 -10.09
N CYS B 89 -3.73 -21.51 -10.58
CA CYS B 89 -3.98 -21.97 -11.94
C CYS B 89 -5.39 -22.52 -12.09
N LYS B 90 -5.89 -23.22 -11.07
CA LYS B 90 -7.29 -23.63 -11.11
C LYS B 90 -8.21 -22.41 -11.20
N LYS B 91 -7.97 -21.41 -10.34
CA LYS B 91 -8.83 -20.22 -10.37
C LYS B 91 -8.76 -19.50 -11.72
N LYS B 92 -7.59 -19.48 -12.35
CA LYS B 92 -7.39 -18.74 -13.59
C LYS B 92 -7.69 -19.59 -14.83
N ASN B 93 -8.11 -20.83 -14.64
CA ASN B 93 -8.40 -21.75 -15.75
C ASN B 93 -7.15 -21.99 -16.60
N ILE B 94 -6.06 -22.35 -15.93
CA ILE B 94 -4.79 -22.67 -16.56
C ILE B 94 -4.44 -24.11 -16.20
N LEU B 95 -4.25 -24.94 -17.22
CA LEU B 95 -3.79 -26.30 -16.96
C LEU B 95 -2.31 -26.25 -16.59
N ILE B 96 -1.93 -27.07 -15.61
CA ILE B 96 -0.52 -27.13 -15.22
C ILE B 96 -0.17 -28.57 -14.93
N THR B 97 0.81 -29.10 -15.65
CA THR B 97 1.24 -30.47 -15.42
C THR B 97 1.81 -30.62 -14.03
N ASP B 98 1.83 -31.86 -13.55
CA ASP B 98 2.38 -32.09 -12.21
C ASP B 98 3.86 -31.79 -12.15
N THR B 99 4.61 -31.96 -13.25
CA THR B 99 6.04 -31.70 -13.21
C THR B 99 6.33 -30.21 -13.12
N SER B 100 5.64 -29.40 -13.93
CA SER B 100 5.81 -27.95 -13.86
C SER B 100 5.44 -27.42 -12.47
N SER B 101 4.39 -27.96 -11.85
CA SER B 101 3.93 -27.40 -10.58
C SER B 101 4.96 -27.51 -9.47
N TRP B 102 6.00 -28.31 -9.63
CA TRP B 102 7.08 -28.37 -8.64
C TRP B 102 8.17 -27.33 -8.88
N LEU B 103 8.00 -26.48 -9.89
CA LEU B 103 8.88 -25.33 -10.11
C LEU B 103 10.33 -25.75 -10.33
N GLY B 104 10.52 -26.94 -10.88
CA GLY B 104 11.86 -27.46 -11.14
C GLY B 104 12.53 -28.13 -9.96
N PHE B 105 11.80 -28.37 -8.87
CA PHE B 105 12.38 -28.96 -7.67
C PHE B 105 11.68 -30.25 -7.27
N GLN B 106 11.07 -30.96 -8.23
CA GLN B 106 10.44 -32.23 -7.92
C GLN B 106 11.43 -33.19 -7.27
N VAL B 107 12.70 -33.05 -7.61
CA VAL B 107 13.77 -33.85 -7.03
C VAL B 107 13.72 -33.84 -5.50
N TYR B 108 13.16 -32.78 -4.92
CA TYR B 108 13.10 -32.61 -3.48
C TYR B 108 11.69 -32.71 -2.92
N SER B 109 10.77 -33.29 -3.70
CA SER B 109 9.39 -33.42 -3.23
C SER B 109 9.29 -34.31 -2.00
N THR B 110 10.17 -35.31 -1.88
CA THR B 110 10.22 -36.15 -0.68
C THR B 110 11.57 -36.12 0.01
N GLN B 111 12.67 -36.04 -0.73
CA GLN B 111 14.01 -36.01 -0.12
C GLN B 111 14.50 -34.58 0.09
N ALA B 112 14.87 -34.27 1.33
CA ALA B 112 15.34 -32.94 1.65
C ALA B 112 16.72 -32.70 1.03
N PRO B 113 17.02 -31.46 0.65
CA PRO B 113 18.34 -31.17 0.07
C PRO B 113 19.41 -31.17 1.13
N SER B 114 20.65 -31.03 0.67
CA SER B 114 21.76 -31.02 1.60
C SER B 114 21.71 -29.75 2.45
N VAL B 115 22.29 -29.84 3.65
CA VAL B 115 22.30 -28.71 4.57
C VAL B 115 23.01 -27.53 3.94
N GLN B 116 24.04 -27.79 3.13
CA GLN B 116 24.83 -26.71 2.56
C GLN B 116 24.12 -26.00 1.42
N ALA B 117 23.19 -26.66 0.74
CA ALA B 117 22.57 -26.14 -0.47
C ALA B 117 21.23 -25.47 -0.25
N ALA B 118 20.69 -25.49 0.98
CA ALA B 118 19.32 -25.04 1.20
C ALA B 118 19.17 -23.54 0.92
N SER B 119 20.11 -22.72 1.38
CA SER B 119 20.05 -21.28 1.10
C SER B 119 19.97 -20.98 -0.40
N THR B 120 20.92 -21.52 -1.17
CA THR B 120 21.00 -21.23 -2.59
C THR B 120 19.77 -21.75 -3.32
N LEU B 121 19.34 -22.97 -2.98
CA LEU B 121 18.13 -23.50 -3.58
C LEU B 121 16.92 -22.67 -3.22
N GLY B 122 16.88 -22.13 -2.00
CA GLY B 122 15.78 -21.28 -1.59
C GLY B 122 15.74 -20.00 -2.39
N PHE B 123 16.91 -19.41 -2.65
CA PHE B 123 16.94 -18.25 -3.55
C PHE B 123 16.37 -18.60 -4.92
N GLU B 124 16.86 -19.68 -5.52
CA GLU B 124 16.40 -20.04 -6.86
C GLU B 124 14.91 -20.34 -6.86
N LEU B 125 14.40 -20.95 -5.79
CA LEU B 125 12.98 -21.27 -5.71
C LEU B 125 12.14 -20.00 -5.63
N LYS B 126 12.55 -19.03 -4.79
CA LYS B 126 11.82 -17.77 -4.71
C LYS B 126 11.77 -17.08 -6.08
N ALA B 127 12.91 -17.09 -6.80
CA ALA B 127 12.97 -16.47 -8.12
C ALA B 127 12.03 -17.16 -9.12
N ILE B 128 12.12 -18.48 -9.22
CA ILE B 128 11.28 -19.20 -10.16
C ILE B 128 9.81 -19.04 -9.81
N ASN B 129 9.50 -19.03 -8.51
CA ASN B 129 8.11 -18.86 -8.07
C ASN B 129 7.56 -17.51 -8.50
N SER B 130 8.35 -16.45 -8.28
CA SER B 130 7.95 -15.12 -8.73
C SER B 130 7.74 -15.08 -10.24
N LEU B 131 8.67 -15.68 -11.00
CA LEU B 131 8.56 -15.65 -12.46
C LEU B 131 7.30 -16.37 -12.93
N VAL B 132 7.05 -17.56 -12.39
CA VAL B 132 5.91 -18.35 -12.85
C VAL B 132 4.60 -17.67 -12.46
N ASN B 133 4.55 -17.05 -11.28
CA ASN B 133 3.33 -16.33 -10.94
C ASN B 133 3.13 -15.11 -11.85
N LYS B 134 4.20 -14.43 -12.25
CA LYS B 134 4.06 -13.35 -13.22
C LYS B 134 3.55 -13.88 -14.55
N LEU B 135 4.05 -15.05 -14.98
CA LEU B 135 3.53 -15.63 -16.22
C LEU B 135 2.05 -15.99 -16.09
N ALA B 136 1.62 -16.40 -14.90
CA ALA B 136 0.22 -16.80 -14.72
C ALA B 136 -0.73 -15.63 -14.93
N GLU B 137 -0.24 -14.39 -14.91
CA GLU B 137 -1.10 -13.24 -15.10
C GLU B 137 -1.27 -12.85 -16.55
N CYS B 138 -0.63 -13.58 -17.47
CA CYS B 138 -0.57 -13.20 -18.87
C CYS B 138 -1.65 -13.83 -19.74
N GLY B 139 -2.59 -14.57 -19.17
CA GLY B 139 -3.63 -15.17 -20.00
C GLY B 139 -3.17 -16.36 -20.82
N LEU B 140 -2.10 -17.04 -20.40
CA LEU B 140 -1.73 -18.30 -21.00
C LEU B 140 -2.83 -19.34 -20.77
N SER B 141 -2.65 -20.51 -21.39
CA SER B 141 -3.58 -21.61 -21.22
C SER B 141 -2.97 -22.88 -20.65
N LYS B 142 -1.66 -23.08 -20.74
CA LYS B 142 -1.10 -24.29 -20.15
C LYS B 142 0.35 -24.09 -19.75
N PHE B 143 0.70 -24.55 -18.55
CA PHE B 143 2.10 -24.67 -18.12
C PHE B 143 2.54 -26.10 -18.38
N ILE B 144 3.50 -26.29 -19.29
CA ILE B 144 3.89 -27.61 -19.73
C ILE B 144 5.14 -28.11 -19.00
N LYS B 145 6.17 -27.28 -18.90
CA LYS B 145 7.42 -27.76 -18.34
C LYS B 145 8.13 -26.63 -17.61
N VAL B 146 8.69 -26.96 -16.45
CA VAL B 146 9.62 -26.09 -15.74
C VAL B 146 10.80 -27.01 -15.40
N TYR B 147 11.82 -27.02 -16.25
CA TYR B 147 12.95 -27.92 -16.10
C TYR B 147 14.14 -27.14 -15.55
N ARG B 148 14.79 -27.69 -14.53
CA ARG B 148 15.82 -26.96 -13.79
C ARG B 148 17.07 -27.81 -13.62
N PRO B 149 18.10 -27.60 -14.44
CA PRO B 149 19.37 -28.31 -14.23
C PRO B 149 19.93 -28.03 -12.84
N GLN B 150 20.55 -29.05 -12.25
CA GLN B 150 21.05 -28.89 -10.90
C GLN B 150 22.25 -27.96 -10.89
N LEU B 151 22.40 -27.24 -9.79
CA LEU B 151 23.52 -26.34 -9.59
C LEU B 151 24.71 -27.10 -9.03
N PRO B 152 25.92 -26.54 -9.13
CA PRO B 152 27.09 -27.20 -8.54
C PRO B 152 26.95 -27.58 -7.08
N ILE B 153 26.32 -26.73 -6.26
CA ILE B 153 26.27 -26.95 -4.81
C ILE B 153 25.38 -28.12 -4.42
N GLU B 154 24.52 -28.59 -5.33
CA GLU B 154 23.66 -29.73 -5.00
C GLU B 154 24.44 -31.04 -4.98
N THR B 155 25.51 -31.15 -5.78
CA THR B 155 26.30 -32.37 -5.92
C THR B 155 27.69 -32.16 -5.33
N PRO B 156 27.94 -32.61 -4.08
CA PRO B 156 29.24 -32.46 -3.39
C PRO B 156 30.40 -33.12 -4.15
N GLN B 168 36.27 -16.35 -7.52
CA GLN B 168 35.27 -15.40 -7.03
C GLN B 168 34.70 -14.54 -8.16
N ALA B 169 33.59 -15.00 -8.74
CA ALA B 169 32.93 -14.30 -9.81
C ALA B 169 32.00 -13.21 -9.26
N PRO B 170 31.71 -12.17 -10.06
CA PRO B 170 30.75 -11.15 -9.58
C PRO B 170 29.33 -11.69 -9.49
N TRP B 171 28.96 -12.64 -10.35
CA TRP B 171 27.65 -13.28 -10.34
C TRP B 171 27.75 -14.65 -10.96
N THR B 172 26.73 -15.47 -10.69
CA THR B 172 26.67 -16.85 -11.15
C THR B 172 25.35 -17.09 -11.86
N PRO B 173 25.37 -17.76 -13.02
CA PRO B 173 24.13 -18.10 -13.71
C PRO B 173 23.52 -19.40 -13.22
N MET B 174 22.19 -19.44 -13.22
CA MET B 174 21.43 -20.63 -12.84
C MET B 174 20.45 -20.87 -13.97
N PRO B 175 20.63 -21.93 -14.75
CA PRO B 175 19.80 -22.10 -15.95
C PRO B 175 18.43 -22.68 -15.62
N LEU B 176 17.47 -22.39 -16.50
CA LEU B 176 16.21 -23.13 -16.47
C LEU B 176 15.53 -22.97 -17.82
N GLU B 177 14.55 -23.84 -18.07
CA GLU B 177 13.79 -23.83 -19.31
C GLU B 177 12.33 -24.06 -18.98
N ILE B 178 11.46 -23.19 -19.49
CA ILE B 178 10.03 -23.31 -19.24
C ILE B 178 9.33 -23.51 -20.58
N ALA B 179 8.18 -24.14 -20.54
CA ALA B 179 7.39 -24.35 -21.75
C ALA B 179 5.93 -24.10 -21.40
N PHE B 180 5.23 -23.42 -22.29
CA PHE B 180 3.83 -23.11 -22.01
C PHE B 180 3.07 -23.01 -23.33
N GLN B 181 1.76 -22.80 -23.21
CA GLN B 181 0.87 -22.82 -24.35
C GLN B 181 -0.14 -21.69 -24.20
N GLY B 182 -0.34 -20.96 -25.29
CA GLY B 182 -1.33 -19.89 -25.28
C GLY B 182 -1.41 -19.21 -26.63
N ASP B 183 -2.33 -18.24 -26.72
CA ASP B 183 -2.48 -17.50 -27.96
C ASP B 183 -1.37 -16.47 -28.07
N ARG B 184 -1.31 -15.76 -29.20
CA ARG B 184 -0.18 -14.87 -29.45
C ARG B 184 -0.14 -13.70 -28.46
N GLU B 185 -1.30 -13.12 -28.14
CA GLU B 185 -1.34 -12.02 -27.18
C GLU B 185 -0.69 -12.40 -25.85
N SER B 186 -1.06 -13.58 -25.34
CA SER B 186 -0.52 -14.04 -24.06
C SER B 186 0.97 -14.32 -24.16
N VAL B 187 1.45 -14.78 -25.31
CA VAL B 187 2.89 -15.02 -25.46
C VAL B 187 3.65 -13.70 -25.42
N LEU B 188 3.10 -12.67 -26.05
CA LEU B 188 3.74 -11.36 -25.98
C LEU B 188 3.76 -10.85 -24.55
N LYS B 189 2.63 -10.98 -23.84
CA LYS B 189 2.59 -10.60 -22.43
C LYS B 189 3.59 -11.39 -21.61
N ALA B 190 3.78 -12.67 -21.94
CA ALA B 190 4.76 -13.47 -21.21
C ALA B 190 6.16 -12.93 -21.41
N MET B 191 6.52 -12.59 -22.65
CA MET B 191 7.81 -11.97 -22.89
C MET B 191 7.96 -10.68 -22.09
N ASN B 192 6.94 -9.81 -22.12
CA ASN B 192 7.04 -8.57 -21.38
C ASN B 192 7.22 -8.82 -19.89
N ALA B 193 6.51 -9.81 -19.35
CA ALA B 193 6.59 -10.13 -17.93
C ALA B 193 7.99 -10.62 -17.57
N ILE B 194 8.55 -11.51 -18.38
CA ILE B 194 9.93 -11.96 -18.15
C ILE B 194 10.88 -10.78 -18.15
N THR B 195 10.77 -9.95 -19.20
CA THR B 195 11.69 -8.83 -19.40
C THR B 195 11.55 -7.77 -18.31
N GLY B 196 10.33 -7.49 -17.88
CA GLY B 196 10.05 -6.44 -16.91
C GLY B 196 10.31 -6.76 -15.46
N MET B 197 10.82 -7.95 -15.16
CA MET B 197 10.95 -8.40 -13.78
C MET B 197 11.91 -7.48 -13.03
N GLN B 198 11.46 -6.97 -11.87
CA GLN B 198 12.26 -6.06 -11.06
C GLN B 198 12.89 -6.69 -9.83
N ASP B 199 12.41 -7.83 -9.38
CA ASP B 199 12.98 -8.42 -8.17
C ASP B 199 14.08 -9.44 -8.48
N TYR B 200 13.98 -10.16 -9.60
CA TYR B 200 14.95 -11.15 -10.00
C TYR B 200 15.33 -10.94 -11.45
N LEU B 201 16.60 -11.18 -11.77
CA LEU B 201 17.12 -10.93 -13.11
C LEU B 201 17.14 -12.23 -13.90
N PHE B 202 16.23 -12.34 -14.87
CA PHE B 202 16.20 -13.44 -15.82
C PHE B 202 16.57 -12.90 -17.21
N THR B 203 17.57 -13.49 -17.84
CA THR B 203 17.94 -13.20 -19.21
C THR B 203 17.52 -14.34 -20.12
N VAL B 204 17.16 -13.99 -21.35
CA VAL B 204 16.61 -14.94 -22.32
C VAL B 204 17.72 -15.48 -23.21
N ASN B 205 17.96 -16.79 -23.15
CA ASN B 205 18.88 -17.40 -24.10
C ASN B 205 18.19 -17.69 -25.43
N SER B 206 16.98 -18.25 -25.40
CA SER B 206 16.33 -18.54 -26.68
C SER B 206 14.84 -18.79 -26.51
N ILE B 207 14.11 -18.56 -27.61
CA ILE B 207 12.68 -18.87 -27.72
C ILE B 207 12.47 -19.79 -28.92
N ARG B 208 11.64 -20.82 -28.74
CA ARG B 208 11.27 -21.77 -29.78
C ARG B 208 9.76 -21.85 -29.84
N ILE B 209 9.19 -21.79 -31.04
CA ILE B 209 7.74 -21.86 -31.23
C ILE B 209 7.42 -23.07 -32.09
N ARG B 210 6.54 -23.93 -31.57
CA ARG B 210 6.17 -25.15 -32.31
C ARG B 210 4.65 -25.26 -32.40
N GLU B 264 -6.28 -19.04 -31.24
CA GLU B 264 -5.23 -19.79 -31.92
C GLU B 264 -4.04 -20.05 -30.99
N GLN B 265 -3.73 -21.33 -30.76
CA GLN B 265 -2.77 -21.75 -29.75
C GLN B 265 -1.39 -22.00 -30.32
N VAL B 266 -0.37 -21.56 -29.59
CA VAL B 266 1.03 -21.81 -29.92
C VAL B 266 1.73 -22.36 -28.69
N PHE B 267 2.77 -23.15 -28.96
CA PHE B 267 3.60 -23.83 -27.97
C PHE B 267 4.94 -23.10 -27.90
N VAL B 268 5.28 -22.57 -26.72
CA VAL B 268 6.49 -21.78 -26.52
C VAL B 268 7.44 -22.54 -25.61
N GLN B 269 8.72 -22.50 -25.96
CA GLN B 269 9.79 -23.00 -25.10
C GLN B 269 10.80 -21.87 -24.92
N VAL B 270 11.09 -21.53 -23.67
CA VAL B 270 11.97 -20.41 -23.34
C VAL B 270 13.14 -20.94 -22.53
N SER B 271 14.35 -20.68 -23.00
CA SER B 271 15.58 -21.01 -22.29
C SER B 271 16.14 -19.74 -21.65
N LEU B 272 16.30 -19.78 -20.31
CA LEU B 272 16.61 -18.62 -19.49
C LEU B 272 17.79 -18.89 -18.57
N ASN B 273 18.43 -17.79 -18.16
CA ASN B 273 19.45 -17.78 -17.11
C ASN B 273 19.01 -16.83 -16.00
N LEU B 274 18.93 -17.35 -14.77
CA LEU B 274 18.69 -16.52 -13.60
C LEU B 274 20.02 -16.09 -13.03
N VAL B 275 20.16 -14.80 -12.75
CA VAL B 275 21.42 -14.23 -12.30
C VAL B 275 21.41 -14.16 -10.77
N HIS B 276 22.30 -14.91 -10.13
CA HIS B 276 22.45 -14.81 -8.69
C HIS B 276 23.74 -14.08 -8.40
N PHE B 277 23.64 -12.93 -7.74
CA PHE B 277 24.81 -12.16 -7.41
C PHE B 277 25.45 -12.72 -6.16
N ASN B 278 26.74 -13.03 -6.25
CA ASN B 278 27.40 -13.78 -5.20
C ASN B 278 27.54 -12.95 -3.94
N GLN B 279 27.31 -13.59 -2.82
CA GLN B 279 27.28 -12.95 -1.52
C GLN B 279 28.51 -13.34 -0.70
N PRO B 280 28.90 -12.51 0.26
CA PRO B 280 29.95 -12.94 1.18
C PRO B 280 29.39 -14.02 2.10
N LYS B 281 30.22 -15.02 2.38
CA LYS B 281 29.74 -16.23 3.06
C LYS B 281 29.67 -16.02 4.57
N ALA B 282 28.75 -16.75 5.20
CA ALA B 282 28.54 -16.70 6.65
C ALA B 282 29.52 -17.61 7.39
N SER C 34 5.99 -20.73 -41.63
CA SER C 34 4.69 -20.05 -41.61
C SER C 34 4.75 -18.79 -40.75
N SER C 35 3.62 -18.41 -40.15
CA SER C 35 3.66 -17.35 -39.16
C SER C 35 4.29 -17.81 -37.86
N ASN C 36 4.41 -19.12 -37.64
CA ASN C 36 5.11 -19.60 -36.45
C ASN C 36 6.61 -19.29 -36.53
N GLU C 37 7.25 -19.62 -37.65
CA GLU C 37 8.67 -19.31 -37.80
C GLU C 37 8.91 -17.80 -37.80
N GLU C 38 8.01 -17.06 -38.47
CA GLU C 38 8.06 -15.60 -38.44
C GLU C 38 7.94 -15.08 -37.02
N LEU C 39 6.99 -15.62 -36.25
CA LEU C 39 6.80 -15.19 -34.87
C LEU C 39 8.02 -15.52 -34.02
N GLU C 40 8.63 -16.67 -34.23
CA GLU C 40 9.82 -17.03 -33.47
C GLU C 40 10.97 -16.08 -33.76
N LYS C 41 11.19 -15.76 -35.03
CA LYS C 41 12.25 -14.81 -35.36
C LYS C 41 11.97 -13.44 -34.77
N GLU C 42 10.72 -12.97 -34.85
CA GLU C 42 10.37 -11.66 -34.29
C GLU C 42 10.61 -11.64 -32.79
N LEU C 43 10.22 -12.70 -32.09
CA LEU C 43 10.37 -12.74 -30.64
C LEU C 43 11.85 -12.81 -30.22
N ASN C 44 12.67 -13.57 -30.95
CA ASN C 44 14.09 -13.60 -30.60
C ASN C 44 14.77 -12.26 -30.88
N ARG C 45 14.36 -11.58 -31.95
CA ARG C 45 14.86 -10.24 -32.20
C ARG C 45 14.49 -9.30 -31.05
N TYR C 46 13.22 -9.35 -30.61
CA TYR C 46 12.78 -8.51 -29.49
C TYR C 46 13.55 -8.85 -28.21
N ALA C 47 13.81 -10.13 -27.98
CA ALA C 47 14.55 -10.53 -26.79
C ALA C 47 15.96 -9.97 -26.81
N LYS C 48 16.63 -10.02 -27.97
CA LYS C 48 17.96 -9.42 -28.07
C LYS C 48 17.91 -7.90 -27.96
N ALA C 49 16.86 -7.26 -28.48
CA ALA C 49 16.76 -5.82 -28.34
C ALA C 49 16.67 -5.42 -26.88
N VAL C 50 15.80 -6.10 -26.12
CA VAL C 50 15.69 -5.83 -24.69
C VAL C 50 16.98 -6.17 -23.99
N GLY C 51 17.62 -7.28 -24.38
CA GLY C 51 18.86 -7.70 -23.76
C GLY C 51 19.99 -6.69 -23.90
N SER C 52 20.02 -5.96 -25.01
CA SER C 52 21.09 -4.99 -25.21
C SER C 52 20.85 -3.68 -24.48
N LEU C 53 19.69 -3.51 -23.82
CA LEU C 53 19.42 -2.29 -23.08
C LEU C 53 20.06 -2.34 -21.69
N GLU C 54 20.62 -1.21 -21.26
CA GLU C 54 21.06 -1.07 -19.88
C GLU C 54 19.90 -1.36 -18.95
N THR C 55 20.13 -2.22 -17.95
CA THR C 55 19.06 -2.71 -17.11
C THR C 55 18.34 -1.57 -16.37
N ALA C 56 18.83 -0.34 -16.51
CA ALA C 56 18.17 0.81 -15.89
C ALA C 56 16.89 1.19 -16.62
N TYR C 57 16.79 0.84 -17.90
CA TYR C 57 15.58 1.07 -18.66
C TYR C 57 14.52 0.02 -18.35
N LYS C 58 14.81 -0.91 -17.46
CA LYS C 58 13.85 -1.97 -17.13
C LYS C 58 12.54 -1.41 -16.58
N PRO C 59 12.53 -0.44 -15.66
CA PRO C 59 11.23 0.07 -15.17
C PRO C 59 10.39 0.70 -16.26
N PHE C 60 11.00 1.16 -17.35
CA PHE C 60 10.30 1.80 -18.46
C PHE C 60 9.75 0.81 -19.47
N LEU C 61 10.19 -0.44 -19.46
CA LEU C 61 9.74 -1.39 -20.46
C LEU C 61 8.28 -1.77 -20.25
N ALA C 62 7.85 -1.89 -18.98
CA ALA C 62 6.50 -2.35 -18.67
C ALA C 62 5.44 -1.44 -19.28
N SER C 63 5.58 -0.13 -19.11
CA SER C 63 4.52 0.75 -19.56
C SER C 63 4.52 0.96 -21.07
N SER C 64 5.57 0.54 -21.78
CA SER C 64 5.57 0.62 -23.24
C SER C 64 4.79 -0.50 -23.90
N ALA C 65 4.37 -1.53 -23.15
CA ALA C 65 3.58 -2.62 -23.73
C ALA C 65 2.24 -2.08 -24.20
N LEU C 66 1.85 -2.49 -25.42
CA LEU C 66 0.58 -2.01 -25.99
C LEU C 66 -0.57 -2.88 -25.53
N VAL C 67 -1.66 -2.24 -25.12
CA VAL C 67 -2.86 -2.93 -24.68
C VAL C 67 -3.89 -2.86 -25.80
N PRO C 68 -4.49 -3.97 -26.22
CA PRO C 68 -5.50 -3.93 -27.30
C PRO C 68 -6.60 -2.92 -27.00
N THR C 69 -6.86 -2.06 -27.98
CA THR C 69 -7.71 -0.89 -27.77
C THR C 69 -8.47 -0.56 -29.04
N THR C 70 -9.80 -0.53 -28.97
CA THR C 70 -10.61 0.00 -30.06
C THR C 70 -10.56 1.52 -30.06
N PRO C 71 -10.86 2.14 -31.20
CA PRO C 71 -10.95 3.62 -31.21
C PRO C 71 -11.96 4.15 -30.21
N THR C 72 -13.05 3.42 -30.03
CA THR C 72 -14.06 3.86 -29.07
C THR C 72 -13.54 3.77 -27.64
N ALA C 73 -12.86 2.68 -27.30
CA ALA C 73 -12.23 2.56 -25.99
C ALA C 73 -11.22 3.68 -25.76
N PHE C 74 -10.42 4.01 -26.79
CA PHE C 74 -9.49 5.13 -26.67
C PHE C 74 -10.23 6.41 -26.34
N GLN C 75 -11.32 6.68 -27.08
CA GLN C 75 -12.07 7.91 -26.86
C GLN C 75 -12.63 7.97 -25.44
N ASN C 76 -13.13 6.84 -24.94
CA ASN C 76 -13.68 6.81 -23.59
C ASN C 76 -12.59 7.12 -22.57
N GLU C 77 -11.42 6.50 -22.71
CA GLU C 77 -10.35 6.76 -21.76
C GLU C 77 -9.88 8.22 -21.85
N LEU C 78 -9.82 8.77 -23.06
CA LEU C 78 -9.46 10.17 -23.21
C LEU C 78 -10.46 11.07 -22.47
N LYS C 79 -11.76 10.84 -22.67
CA LYS C 79 -12.74 11.70 -22.04
C LYS C 79 -12.75 11.52 -20.52
N THR C 80 -12.50 10.29 -20.05
CA THR C 80 -12.42 10.06 -18.60
C THR C 80 -11.22 10.78 -18.00
N PHE C 81 -10.04 10.68 -18.64
CA PHE C 81 -8.85 11.38 -18.14
C PHE C 81 -9.08 12.88 -18.11
N ARG C 82 -9.74 13.42 -19.13
CA ARG C 82 -9.99 14.86 -19.16
C ARG C 82 -10.92 15.26 -18.03
N ASP C 83 -11.94 14.45 -17.76
CA ASP C 83 -12.83 14.75 -16.64
C ASP C 83 -12.06 14.74 -15.33
N SER C 84 -11.24 13.71 -15.10
CA SER C 84 -10.46 13.65 -13.86
C SER C 84 -9.57 14.86 -13.74
N LEU C 85 -8.89 15.23 -14.83
CA LEU C 85 -7.96 16.35 -14.79
C LEU C 85 -8.68 17.65 -14.49
N ILE C 86 -9.83 17.87 -15.12
CA ILE C 86 -10.61 19.09 -14.87
C ILE C 86 -11.05 19.15 -13.42
N SER C 87 -11.52 18.02 -12.88
CA SER C 87 -11.95 17.97 -11.48
C SER C 87 -10.77 18.19 -10.53
N SER C 88 -9.63 17.58 -10.83
CA SER C 88 -8.42 17.75 -10.04
C SER C 88 -7.96 19.21 -10.04
N CYS C 89 -7.98 19.85 -11.21
CA CYS C 89 -7.55 21.24 -11.30
C CYS C 89 -8.52 22.17 -10.58
N LYS C 90 -9.82 21.89 -10.67
CA LYS C 90 -10.78 22.66 -9.89
C LYS C 90 -10.48 22.54 -8.41
N LYS C 91 -10.32 21.31 -7.92
CA LYS C 91 -10.05 21.08 -6.52
C LYS C 91 -8.73 21.71 -6.08
N LYS C 92 -7.74 21.74 -6.96
CA LYS C 92 -6.42 22.25 -6.60
C LYS C 92 -6.25 23.73 -6.90
N ASN C 93 -7.29 24.41 -7.40
CA ASN C 93 -7.23 25.84 -7.74
C ASN C 93 -6.22 26.11 -8.86
N ILE C 94 -6.31 25.31 -9.92
CA ILE C 94 -5.44 25.45 -11.08
C ILE C 94 -6.32 25.74 -12.29
N LEU C 95 -6.08 26.86 -12.96
CA LEU C 95 -6.78 27.15 -14.20
C LEU C 95 -6.19 26.28 -15.31
N ILE C 96 -7.05 25.73 -16.15
CA ILE C 96 -6.59 24.88 -17.25
C ILE C 96 -7.43 25.19 -18.49
N THR C 97 -6.77 25.64 -19.56
CA THR C 97 -7.49 25.96 -20.78
C THR C 97 -8.13 24.70 -21.35
N ASP C 98 -9.17 24.90 -22.17
CA ASP C 98 -9.87 23.75 -22.70
C ASP C 98 -9.00 22.90 -23.61
N THR C 99 -8.03 23.51 -24.30
CA THR C 99 -7.16 22.74 -25.17
C THR C 99 -6.20 21.88 -24.34
N SER C 100 -5.69 22.44 -23.24
CA SER C 100 -4.84 21.67 -22.33
C SER C 100 -5.54 20.41 -21.86
N SER C 101 -6.80 20.55 -21.45
CA SER C 101 -7.51 19.43 -20.87
C SER C 101 -7.69 18.28 -21.84
N TRP C 102 -7.47 18.50 -23.13
CA TRP C 102 -7.57 17.39 -24.06
C TRP C 102 -6.27 16.61 -24.19
N LEU C 103 -5.23 17.02 -23.43
CA LEU C 103 -3.99 16.26 -23.26
C LEU C 103 -3.30 16.01 -24.60
N GLY C 104 -3.50 16.92 -25.56
CA GLY C 104 -2.92 16.80 -26.88
C GLY C 104 -3.69 15.94 -27.83
N PHE C 105 -4.91 15.50 -27.47
CA PHE C 105 -5.70 14.61 -28.30
C PHE C 105 -7.07 15.19 -28.67
N GLN C 106 -7.22 16.51 -28.65
CA GLN C 106 -8.49 17.13 -29.00
C GLN C 106 -8.98 16.69 -30.37
N VAL C 107 -8.05 16.43 -31.29
CA VAL C 107 -8.34 15.95 -32.64
C VAL C 107 -9.26 14.73 -32.59
N TYR C 108 -9.24 14.01 -31.47
CA TYR C 108 -10.06 12.81 -31.36
C TYR C 108 -11.20 13.00 -30.36
N SER C 109 -11.52 14.25 -30.01
CA SER C 109 -12.62 14.48 -29.06
C SER C 109 -13.95 14.03 -29.63
N THR C 110 -14.15 14.19 -30.95
CA THR C 110 -15.39 13.72 -31.58
C THR C 110 -15.15 12.63 -32.62
N GLN C 111 -14.06 12.69 -33.37
CA GLN C 111 -13.77 11.67 -34.37
C GLN C 111 -12.87 10.58 -33.77
N ALA C 112 -13.26 9.32 -33.94
CA ALA C 112 -12.46 8.23 -33.42
C ALA C 112 -11.16 8.07 -34.20
N PRO C 113 -10.10 7.62 -33.55
CA PRO C 113 -8.84 7.40 -34.27
C PRO C 113 -8.91 6.13 -35.10
N SER C 114 -7.88 5.93 -35.91
CA SER C 114 -7.84 4.76 -36.78
C SER C 114 -7.69 3.48 -35.96
N VAL C 115 -8.14 2.37 -36.54
CA VAL C 115 -7.98 1.10 -35.85
C VAL C 115 -6.51 0.76 -35.64
N GLN C 116 -5.65 1.18 -36.58
CA GLN C 116 -4.22 0.81 -36.50
C GLN C 116 -3.48 1.60 -35.43
N ALA C 117 -3.97 2.80 -35.09
CA ALA C 117 -3.26 3.71 -34.19
C ALA C 117 -3.74 3.68 -32.75
N ALA C 118 -4.78 2.90 -32.44
CA ALA C 118 -5.43 3.03 -31.13
C ALA C 118 -4.51 2.60 -29.98
N SER C 119 -3.83 1.45 -30.12
CA SER C 119 -2.88 1.01 -29.10
C SER C 119 -1.82 2.06 -28.81
N THR C 120 -1.13 2.53 -29.85
CA THR C 120 -0.04 3.48 -29.66
C THR C 120 -0.55 4.81 -29.09
N LEU C 121 -1.70 5.27 -29.58
CA LEU C 121 -2.28 6.48 -29.02
C LEU C 121 -2.65 6.29 -27.56
N GLY C 122 -3.09 5.09 -27.20
CA GLY C 122 -3.39 4.82 -25.80
C GLY C 122 -2.14 4.89 -24.94
N PHE C 123 -1.04 4.34 -25.46
CA PHE C 123 0.24 4.50 -24.77
C PHE C 123 0.58 5.97 -24.56
N GLU C 124 0.55 6.76 -25.63
CA GLU C 124 0.94 8.16 -25.50
C GLU C 124 -0.01 8.91 -24.58
N LEU C 125 -1.29 8.54 -24.59
CA LEU C 125 -2.26 9.20 -23.73
C LEU C 125 -1.99 8.88 -22.28
N LYS C 126 -1.73 7.62 -21.96
CA LYS C 126 -1.36 7.28 -20.59
C LYS C 126 -0.10 8.01 -20.16
N ALA C 127 0.91 8.08 -21.02
CA ALA C 127 2.14 8.76 -20.65
C ALA C 127 1.89 10.23 -20.34
N ILE C 128 1.21 10.93 -21.25
CA ILE C 128 0.95 12.35 -21.05
C ILE C 128 0.04 12.57 -19.84
N ASN C 129 -0.91 11.67 -19.63
CA ASN C 129 -1.82 11.79 -18.51
C ASN C 129 -1.07 11.69 -17.20
N SER C 130 -0.18 10.68 -17.09
CA SER C 130 0.67 10.55 -15.92
C SER C 130 1.52 11.79 -15.71
N LEU C 131 2.14 12.29 -16.79
CA LEU C 131 3.03 13.43 -16.65
C LEU C 131 2.26 14.66 -16.17
N VAL C 132 1.10 14.91 -16.78
CA VAL C 132 0.34 16.11 -16.43
C VAL C 132 -0.22 16.01 -15.02
N ASN C 133 -0.67 14.82 -14.62
CA ASN C 133 -1.13 14.70 -13.24
C ASN C 133 0.01 14.87 -12.24
N LYS C 134 1.24 14.44 -12.58
CA LYS C 134 2.37 14.73 -11.70
C LYS C 134 2.62 16.23 -11.63
N LEU C 135 2.53 16.93 -12.77
CA LEU C 135 2.70 18.38 -12.74
C LEU C 135 1.62 19.05 -11.90
N ALA C 136 0.42 18.47 -11.87
CA ALA C 136 -0.67 19.05 -11.09
C ALA C 136 -0.40 19.05 -9.59
N GLU C 137 0.56 18.25 -9.12
CA GLU C 137 0.88 18.19 -7.71
C GLU C 137 1.95 19.20 -7.29
N CYS C 138 2.44 20.01 -8.22
CA CYS C 138 3.57 20.89 -7.96
C CYS C 138 3.17 22.28 -7.51
N GLY C 139 1.88 22.56 -7.34
CA GLY C 139 1.47 23.89 -6.94
C GLY C 139 1.53 24.93 -8.03
N LEU C 140 1.44 24.52 -9.29
CA LEU C 140 1.32 25.48 -10.38
C LEU C 140 0.03 26.27 -10.24
N SER C 141 -0.11 27.30 -11.07
CA SER C 141 -1.33 28.08 -11.09
C SER C 141 -2.08 28.00 -12.40
N LYS C 142 -1.43 27.64 -13.51
CA LYS C 142 -2.21 27.56 -14.74
C LYS C 142 -1.57 26.56 -15.71
N PHE C 143 -2.40 25.72 -16.32
CA PHE C 143 -2.05 24.89 -17.47
C PHE C 143 -2.50 25.59 -18.75
N ILE C 144 -1.54 25.98 -19.59
CA ILE C 144 -1.84 26.81 -20.74
C ILE C 144 -1.95 26.00 -22.02
N LYS C 145 -1.02 25.08 -22.26
CA LYS C 145 -0.98 24.37 -23.52
C LYS C 145 -0.42 22.96 -23.32
N VAL C 146 -1.02 21.99 -24.00
CA VAL C 146 -0.45 20.65 -24.16
C VAL C 146 -0.58 20.30 -25.64
N TYR C 147 0.49 20.57 -26.41
CA TYR C 147 0.51 20.41 -27.86
C TYR C 147 1.21 19.12 -28.25
N ARG C 148 0.57 18.32 -29.11
CA ARG C 148 1.04 16.98 -29.43
C ARG C 148 1.04 16.77 -30.94
N PRO C 149 2.20 16.89 -31.60
CA PRO C 149 2.27 16.56 -33.02
C PRO C 149 1.87 15.12 -33.27
N GLN C 150 1.24 14.88 -34.40
CA GLN C 150 0.74 13.55 -34.68
C GLN C 150 1.87 12.59 -34.96
N LEU C 151 1.66 11.32 -34.63
CA LEU C 151 2.63 10.28 -34.90
C LEU C 151 2.47 9.78 -36.33
N PRO C 152 3.53 9.17 -36.89
CA PRO C 152 3.38 8.55 -38.22
C PRO C 152 2.25 7.56 -38.35
N ILE C 153 1.99 6.76 -37.31
CA ILE C 153 0.96 5.73 -37.45
C ILE C 153 -0.42 6.33 -37.56
N GLU C 154 -0.58 7.60 -37.21
CA GLU C 154 -1.88 8.25 -37.32
C GLU C 154 -2.22 8.62 -38.76
N THR C 155 -1.23 9.04 -39.55
CA THR C 155 -1.45 9.52 -40.91
C THR C 155 -0.75 8.60 -41.90
N PRO C 156 -1.43 7.58 -42.43
CA PRO C 156 -0.76 6.67 -43.38
C PRO C 156 -0.26 7.35 -44.66
N ALA C 157 -0.60 8.62 -44.91
CA ALA C 157 -0.31 9.27 -46.18
C ALA C 157 1.18 9.53 -46.42
N ASN C 158 1.76 10.39 -45.57
CA ASN C 158 3.10 10.90 -45.75
C ASN C 158 4.17 9.91 -45.28
N ASN C 159 3.88 8.61 -45.41
CA ASN C 159 4.81 7.57 -44.98
C ASN C 159 5.53 6.93 -46.18
N GLN C 168 14.23 -1.26 -38.19
CA GLN C 168 13.61 -1.51 -36.88
C GLN C 168 14.42 -0.88 -35.73
N ALA C 169 13.82 0.19 -35.10
CA ALA C 169 14.55 0.96 -34.09
C ALA C 169 14.42 0.33 -32.71
N PRO C 170 15.39 0.57 -31.83
CA PRO C 170 15.24 0.06 -30.45
C PRO C 170 14.14 0.78 -29.69
N TRP C 171 13.91 2.05 -30.01
CA TRP C 171 12.90 2.88 -29.40
C TRP C 171 12.53 3.98 -30.40
N THR C 172 11.38 4.60 -30.16
CA THR C 172 10.86 5.66 -31.04
C THR C 172 10.50 6.89 -30.22
N PRO C 173 10.89 8.08 -30.65
CA PRO C 173 10.47 9.29 -29.94
C PRO C 173 9.09 9.77 -30.39
N MET C 174 8.38 10.36 -29.44
CA MET C 174 7.06 10.94 -29.67
C MET C 174 7.11 12.35 -29.11
N PRO C 175 7.08 13.38 -29.95
CA PRO C 175 7.29 14.73 -29.44
C PRO C 175 6.04 15.26 -28.78
N LEU C 176 6.23 16.19 -27.86
CA LEU C 176 5.13 17.01 -27.37
C LEU C 176 5.70 18.25 -26.69
N GLU C 177 4.86 19.25 -26.52
CA GLU C 177 5.27 20.52 -25.93
C GLU C 177 4.20 20.98 -24.97
N ILE C 178 4.59 21.34 -23.76
CA ILE C 178 3.62 21.80 -22.78
C ILE C 178 3.98 23.21 -22.37
N ALA C 179 2.98 23.93 -21.88
CA ALA C 179 3.18 25.27 -21.35
C ALA C 179 2.36 25.41 -20.08
N PHE C 180 2.95 26.00 -19.06
CA PHE C 180 2.25 26.19 -17.79
C PHE C 180 2.78 27.48 -17.16
N GLN C 181 2.20 27.82 -16.01
CA GLN C 181 2.50 29.08 -15.36
C GLN C 181 2.44 28.92 -13.84
N GLY C 182 3.44 29.47 -13.17
CA GLY C 182 3.45 29.45 -11.72
C GLY C 182 4.65 30.20 -11.18
N ASP C 183 4.74 30.27 -9.86
CA ASP C 183 5.89 30.94 -9.25
C ASP C 183 7.12 30.04 -9.32
N ARG C 184 8.26 30.55 -8.86
CA ARG C 184 9.51 29.83 -9.03
C ARG C 184 9.50 28.48 -8.29
N GLU C 185 8.98 28.46 -7.06
CA GLU C 185 8.91 27.21 -6.31
C GLU C 185 8.16 26.12 -7.08
N SER C 186 6.99 26.46 -7.63
CA SER C 186 6.21 25.48 -8.38
C SER C 186 6.89 25.10 -9.69
N VAL C 187 7.59 26.03 -10.31
CA VAL C 187 8.30 25.72 -11.55
C VAL C 187 9.45 24.76 -11.27
N LEU C 188 10.17 24.97 -10.16
CA LEU C 188 11.24 24.04 -9.79
C LEU C 188 10.66 22.66 -9.52
N LYS C 189 9.56 22.58 -8.76
CA LYS C 189 8.91 21.29 -8.51
C LYS C 189 8.48 20.63 -9.82
N ALA C 190 8.01 21.42 -10.78
CA ALA C 190 7.61 20.87 -12.08
C ALA C 190 8.82 20.30 -12.83
N MET C 191 9.95 21.02 -12.82
CA MET C 191 11.17 20.46 -13.40
C MET C 191 11.55 19.15 -12.74
N ASN C 192 11.46 19.09 -11.41
CA ASN C 192 11.77 17.84 -10.72
C ASN C 192 10.86 16.73 -11.21
N ALA C 193 9.57 17.03 -11.37
CA ALA C 193 8.60 16.02 -11.81
C ALA C 193 8.90 15.53 -13.23
N ILE C 194 9.18 16.46 -14.15
CA ILE C 194 9.48 16.05 -15.52
C ILE C 194 10.76 15.22 -15.59
N THR C 195 11.87 15.73 -15.02
CA THR C 195 13.15 15.02 -15.13
C THR C 195 13.12 13.70 -14.37
N GLY C 196 12.38 13.66 -13.27
CA GLY C 196 12.22 12.54 -12.37
C GLY C 196 11.28 11.45 -12.78
N MET C 197 10.71 11.47 -13.99
CA MET C 197 9.67 10.50 -14.36
C MET C 197 10.20 9.08 -14.25
N GLN C 198 9.44 8.25 -13.52
CA GLN C 198 9.82 6.86 -13.20
C GLN C 198 9.08 5.81 -14.03
N ASP C 199 7.88 6.10 -14.52
CA ASP C 199 7.08 5.13 -15.25
C ASP C 199 7.17 5.30 -16.76
N TYR C 200 7.36 6.52 -17.24
CA TYR C 200 7.50 6.84 -18.65
C TYR C 200 8.73 7.72 -18.81
N LEU C 201 9.45 7.55 -19.89
CA LEU C 201 10.72 8.26 -20.09
C LEU C 201 10.49 9.51 -20.92
N PHE C 202 10.56 10.67 -20.28
CA PHE C 202 10.53 11.96 -20.97
C PHE C 202 11.90 12.61 -20.88
N THR C 203 12.45 13.00 -22.02
CA THR C 203 13.67 13.78 -22.12
C THR C 203 13.33 15.22 -22.48
N VAL C 204 14.14 16.15 -21.99
CA VAL C 204 13.89 17.58 -22.14
C VAL C 204 14.72 18.13 -23.30
N ASN C 205 14.05 18.68 -24.32
CA ASN C 205 14.77 19.35 -25.40
C ASN C 205 15.12 20.79 -25.05
N SER C 206 14.18 21.55 -24.50
CA SER C 206 14.47 22.92 -24.14
C SER C 206 13.40 23.45 -23.21
N ILE C 207 13.79 24.45 -22.43
CA ILE C 207 12.90 25.19 -21.56
C ILE C 207 13.00 26.67 -21.91
N ARG C 208 11.85 27.34 -22.02
CA ARG C 208 11.79 28.75 -22.31
C ARG C 208 10.95 29.44 -21.24
N ILE C 209 11.44 30.57 -20.75
CA ILE C 209 10.78 31.35 -19.70
C ILE C 209 10.40 32.70 -20.30
N ARG C 210 9.12 33.06 -20.20
CA ARG C 210 8.65 34.34 -20.72
C ARG C 210 7.87 35.08 -19.64
N ASN C 211 6.99 35.99 -20.04
CA ASN C 211 6.23 36.82 -19.10
C ASN C 211 4.80 36.32 -18.98
N GLU C 212 4.18 36.57 -17.82
CA GLU C 212 2.83 36.11 -17.54
C GLU C 212 1.86 36.56 -18.64
N ARG C 213 1.15 35.59 -19.22
CA ARG C 213 0.20 35.85 -20.29
C ARG C 213 -1.12 36.41 -19.74
N LYS C 263 3.77 33.73 -5.41
CA LYS C 263 4.61 34.90 -5.63
C LYS C 263 4.60 35.35 -7.09
N GLU C 264 5.75 35.83 -7.57
CA GLU C 264 5.86 36.29 -8.95
C GLU C 264 5.61 35.14 -9.91
N GLN C 265 4.64 35.32 -10.81
CA GLN C 265 4.29 34.30 -11.78
C GLN C 265 5.23 34.33 -12.98
N VAL C 266 5.61 33.14 -13.47
CA VAL C 266 6.40 33.02 -14.68
C VAL C 266 5.70 32.03 -15.60
N PHE C 267 5.94 32.21 -16.90
CA PHE C 267 5.38 31.40 -17.98
C PHE C 267 6.46 30.48 -18.53
N VAL C 268 6.23 29.16 -18.45
CA VAL C 268 7.21 28.16 -18.85
C VAL C 268 6.69 27.40 -20.05
N GLN C 269 7.57 27.17 -21.03
CA GLN C 269 7.29 26.26 -22.14
C GLN C 269 8.37 25.20 -22.17
N VAL C 270 7.96 23.95 -22.17
CA VAL C 270 8.86 22.80 -22.13
C VAL C 270 8.64 21.98 -23.38
N SER C 271 9.72 21.71 -24.11
CA SER C 271 9.68 20.83 -25.27
C SER C 271 10.23 19.46 -24.86
N LEU C 272 9.46 18.40 -25.10
CA LEU C 272 9.78 17.08 -24.60
C LEU C 272 9.72 16.06 -25.71
N ASN C 273 10.45 14.97 -25.49
CA ASN C 273 10.35 13.77 -26.30
C ASN C 273 9.99 12.64 -25.35
N LEU C 274 8.86 11.97 -25.62
CA LEU C 274 8.47 10.77 -24.91
C LEU C 274 9.04 9.56 -25.62
N VAL C 275 9.72 8.70 -24.89
CA VAL C 275 10.42 7.56 -25.50
C VAL C 275 9.52 6.34 -25.37
N HIS C 276 9.14 5.77 -26.51
CA HIS C 276 8.36 4.53 -26.54
C HIS C 276 9.28 3.39 -26.93
N PHE C 277 9.38 2.38 -26.07
CA PHE C 277 10.23 1.24 -26.36
C PHE C 277 9.48 0.27 -27.26
N ASN C 278 10.11 -0.09 -28.37
CA ASN C 278 9.41 -0.83 -29.42
C ASN C 278 9.04 -2.23 -28.96
N GLN C 279 7.83 -2.65 -29.36
CA GLN C 279 7.20 -3.91 -29.03
C GLN C 279 7.15 -4.84 -30.23
N PRO C 280 7.14 -6.14 -29.99
CA PRO C 280 6.86 -7.08 -31.09
C PRO C 280 5.39 -7.01 -31.45
N LYS C 281 5.07 -7.41 -32.67
CA LYS C 281 3.69 -7.44 -33.15
C LYS C 281 3.42 -8.76 -33.84
N ALA C 282 2.24 -9.33 -33.58
CA ALA C 282 1.86 -10.61 -34.17
C ALA C 282 0.35 -10.64 -34.39
N GLN C 283 -0.05 -11.06 -35.59
CA GLN C 283 -1.46 -11.31 -35.89
C GLN C 283 -1.65 -12.75 -36.35
N GLU C 284 -2.66 -12.99 -37.19
CA GLU C 284 -2.95 -14.35 -37.69
C GLU C 284 -1.75 -14.97 -38.41
N SER D 35 -32.68 -30.93 -6.04
CA SER D 35 -31.65 -30.29 -5.24
C SER D 35 -31.58 -28.78 -5.51
N ASN D 36 -32.23 -28.34 -6.60
CA ASN D 36 -32.33 -26.91 -6.89
C ASN D 36 -33.16 -26.20 -5.83
N GLU D 37 -34.33 -26.73 -5.51
CA GLU D 37 -35.16 -26.13 -4.45
C GLU D 37 -34.46 -26.23 -3.10
N GLU D 38 -33.79 -27.35 -2.86
CA GLU D 38 -33.01 -27.53 -1.62
C GLU D 38 -31.99 -26.40 -1.46
N LEU D 39 -31.19 -26.18 -2.50
CA LEU D 39 -30.16 -25.14 -2.47
C LEU D 39 -30.78 -23.75 -2.36
N GLU D 40 -31.90 -23.52 -3.03
CA GLU D 40 -32.56 -22.22 -2.97
C GLU D 40 -33.03 -21.91 -1.55
N LYS D 41 -33.67 -22.89 -0.89
CA LYS D 41 -34.08 -22.72 0.49
C LYS D 41 -32.87 -22.51 1.41
N GLU D 42 -31.80 -23.28 1.20
CA GLU D 42 -30.61 -23.13 2.03
C GLU D 42 -30.04 -21.72 1.91
N LEU D 43 -29.95 -21.21 0.68
CA LEU D 43 -29.36 -19.89 0.48
C LEU D 43 -30.25 -18.80 1.03
N ASN D 44 -31.58 -18.93 0.90
CA ASN D 44 -32.47 -17.92 1.49
C ASN D 44 -32.44 -17.98 3.02
N ARG D 45 -32.29 -19.16 3.61
CA ARG D 45 -32.11 -19.26 5.05
C ARG D 45 -30.82 -18.58 5.48
N TYR D 46 -29.73 -18.83 4.75
CA TYR D 46 -28.45 -18.19 5.06
C TYR D 46 -28.54 -16.68 4.90
N ALA D 47 -29.22 -16.21 3.87
CA ALA D 47 -29.37 -14.78 3.66
C ALA D 47 -30.16 -14.14 4.79
N LYS D 48 -31.24 -14.78 5.25
CA LYS D 48 -31.99 -14.24 6.38
C LYS D 48 -31.18 -14.31 7.67
N ALA D 49 -30.36 -15.35 7.82
CA ALA D 49 -29.50 -15.46 9.00
C ALA D 49 -28.48 -14.32 9.05
N VAL D 50 -27.82 -14.07 7.92
CA VAL D 50 -26.82 -13.00 7.88
C VAL D 50 -27.47 -11.63 8.08
N GLY D 51 -28.63 -11.41 7.45
CA GLY D 51 -29.29 -10.11 7.57
C GLY D 51 -29.70 -9.77 8.99
N SER D 52 -30.06 -10.78 9.79
CA SER D 52 -30.50 -10.55 11.16
C SER D 52 -29.36 -10.33 12.15
N LEU D 53 -28.11 -10.38 11.70
CA LEU D 53 -26.96 -10.13 12.55
C LEU D 53 -26.75 -8.63 12.76
N GLU D 54 -26.28 -8.26 13.95
CA GLU D 54 -25.83 -6.90 14.15
C GLU D 54 -24.81 -6.56 13.07
N THR D 55 -25.05 -5.47 12.35
CA THR D 55 -24.22 -5.17 11.18
C THR D 55 -22.75 -4.92 11.52
N ALA D 56 -22.39 -4.87 12.81
CA ALA D 56 -20.99 -4.70 13.19
C ALA D 56 -20.18 -5.97 13.01
N TYR D 57 -20.83 -7.13 12.98
CA TYR D 57 -20.15 -8.41 12.78
C TYR D 57 -19.80 -8.68 11.31
N LYS D 58 -20.14 -7.79 10.38
CA LYS D 58 -19.92 -8.07 8.96
C LYS D 58 -18.48 -8.36 8.58
N PRO D 59 -17.46 -7.62 9.05
CA PRO D 59 -16.08 -7.96 8.63
C PRO D 59 -15.64 -9.36 9.02
N PHE D 60 -16.28 -9.98 10.01
CA PHE D 60 -15.87 -11.32 10.44
C PHE D 60 -16.49 -12.42 9.58
N LEU D 61 -17.50 -12.10 8.78
CA LEU D 61 -18.14 -13.09 7.92
C LEU D 61 -17.20 -13.55 6.80
N ALA D 62 -16.38 -12.65 6.27
CA ALA D 62 -15.53 -12.99 5.14
C ALA D 62 -14.60 -14.14 5.47
N SER D 63 -13.92 -14.07 6.62
CA SER D 63 -12.91 -15.06 6.98
C SER D 63 -13.50 -16.38 7.47
N SER D 64 -14.79 -16.42 7.77
CA SER D 64 -15.43 -17.68 8.16
C SER D 64 -15.74 -18.58 6.97
N ALA D 65 -15.59 -18.10 5.75
CA ALA D 65 -15.82 -18.96 4.60
C ALA D 65 -14.78 -20.08 4.58
N LEU D 66 -15.23 -21.29 4.33
CA LEU D 66 -14.32 -22.41 4.28
C LEU D 66 -13.76 -22.55 2.88
N VAL D 67 -12.46 -22.75 2.81
CA VAL D 67 -11.76 -22.94 1.54
C VAL D 67 -11.50 -24.44 1.37
N PRO D 68 -11.81 -25.01 0.22
CA PRO D 68 -11.50 -26.45 0.03
C PRO D 68 -10.04 -26.71 0.29
N THR D 69 -9.78 -27.70 1.15
CA THR D 69 -8.44 -27.96 1.66
C THR D 69 -8.29 -29.46 1.79
N THR D 70 -7.30 -30.02 1.10
CA THR D 70 -6.95 -31.41 1.36
C THR D 70 -6.23 -31.51 2.69
N PRO D 71 -6.22 -32.69 3.32
CA PRO D 71 -5.45 -32.82 4.56
C PRO D 71 -3.98 -32.47 4.36
N THR D 72 -3.41 -32.85 3.21
CA THR D 72 -2.01 -32.55 2.93
C THR D 72 -1.78 -31.05 2.77
N ALA D 73 -2.72 -30.38 2.08
CA ALA D 73 -2.62 -28.93 1.98
C ALA D 73 -2.66 -28.28 3.36
N PHE D 74 -3.52 -28.77 4.25
CA PHE D 74 -3.57 -28.24 5.61
C PHE D 74 -2.22 -28.39 6.29
N GLN D 75 -1.63 -29.59 6.20
CA GLN D 75 -0.35 -29.81 6.85
C GLN D 75 0.69 -28.85 6.33
N ASN D 76 0.71 -28.63 5.00
CA ASN D 76 1.69 -27.72 4.41
C ASN D 76 1.50 -26.30 4.93
N GLU D 77 0.25 -25.83 4.97
CA GLU D 77 -0.02 -24.50 5.50
C GLU D 77 0.40 -24.40 6.97
N LEU D 78 0.13 -25.44 7.75
CA LEU D 78 0.50 -25.46 9.17
C LEU D 78 2.01 -25.33 9.34
N LYS D 79 2.76 -26.13 8.60
CA LYS D 79 4.20 -26.07 8.78
C LYS D 79 4.77 -24.76 8.28
N THR D 80 4.20 -24.20 7.20
CA THR D 80 4.70 -22.91 6.72
C THR D 80 4.42 -21.81 7.74
N PHE D 81 3.19 -21.77 8.30
CA PHE D 81 2.90 -20.79 9.34
C PHE D 81 3.85 -20.93 10.50
N ARG D 82 4.16 -22.17 10.90
CA ARG D 82 5.09 -22.37 12.01
C ARG D 82 6.50 -21.87 11.68
N ASP D 83 6.98 -22.13 10.46
CA ASP D 83 8.31 -21.61 10.10
C ASP D 83 8.32 -20.09 10.15
N SER D 84 7.29 -19.46 9.58
CA SER D 84 7.22 -18.01 9.62
C SER D 84 7.20 -17.50 11.05
N LEU D 85 6.41 -18.14 11.92
CA LEU D 85 6.29 -17.67 13.29
C LEU D 85 7.62 -17.82 14.04
N ILE D 86 8.30 -18.95 13.86
CA ILE D 86 9.59 -19.16 14.53
C ILE D 86 10.59 -18.11 14.08
N SER D 87 10.61 -17.82 12.77
CA SER D 87 11.50 -16.81 12.22
C SER D 87 11.16 -15.42 12.76
N SER D 88 9.88 -15.08 12.79
CA SER D 88 9.45 -13.79 13.32
C SER D 88 9.84 -13.63 14.78
N CYS D 89 9.63 -14.68 15.58
CA CYS D 89 9.99 -14.58 16.99
C CYS D 89 11.50 -14.45 17.17
N LYS D 90 12.28 -15.12 16.33
CA LYS D 90 13.73 -14.93 16.38
C LYS D 90 14.08 -13.47 16.09
N LYS D 91 13.50 -12.90 15.03
CA LYS D 91 13.81 -11.50 14.71
C LYS D 91 13.43 -10.56 15.85
N LYS D 92 12.33 -10.84 16.54
CA LYS D 92 11.81 -9.94 17.57
C LYS D 92 12.36 -10.25 18.95
N ASN D 93 13.28 -11.21 19.08
CA ASN D 93 13.84 -11.58 20.37
C ASN D 93 12.75 -12.06 21.32
N ILE D 94 11.88 -12.94 20.81
CA ILE D 94 10.79 -13.55 21.56
C ILE D 94 11.09 -15.03 21.63
N LEU D 95 11.19 -15.56 22.86
CA LEU D 95 11.34 -16.99 23.02
C LEU D 95 10.00 -17.67 22.75
N ILE D 96 10.04 -18.81 22.07
CA ILE D 96 8.80 -19.52 21.75
C ILE D 96 9.05 -21.01 21.94
N THR D 97 8.25 -21.63 22.81
CA THR D 97 8.35 -23.07 23.02
C THR D 97 7.95 -23.82 21.75
N ASP D 98 8.44 -25.06 21.64
CA ASP D 98 8.12 -25.88 20.48
C ASP D 98 6.64 -26.22 20.40
N THR D 99 5.95 -26.35 21.53
CA THR D 99 4.54 -26.67 21.45
C THR D 99 3.75 -25.48 20.93
N SER D 100 4.04 -24.27 21.43
CA SER D 100 3.40 -23.04 20.94
C SER D 100 3.56 -22.88 19.45
N SER D 101 4.74 -23.18 18.93
CA SER D 101 5.01 -22.92 17.52
C SER D 101 4.10 -23.70 16.59
N TRP D 102 3.39 -24.72 17.08
CA TRP D 102 2.43 -25.45 16.26
C TRP D 102 1.03 -24.85 16.33
N LEU D 103 0.84 -23.76 17.05
CA LEU D 103 -0.40 -23.00 17.02
C LEU D 103 -1.59 -23.85 17.45
N GLY D 104 -1.35 -24.85 18.30
CA GLY D 104 -2.38 -25.73 18.77
C GLY D 104 -2.70 -26.92 17.90
N PHE D 105 -1.88 -27.19 16.88
CA PHE D 105 -2.13 -28.30 15.96
C PHE D 105 -0.98 -29.29 15.92
N GLN D 106 -0.19 -29.39 16.98
CA GLN D 106 0.97 -30.28 16.94
C GLN D 106 0.56 -31.72 16.65
N VAL D 107 -0.64 -32.11 17.08
CA VAL D 107 -1.17 -33.45 16.85
C VAL D 107 -1.17 -33.81 15.36
N TYR D 108 -1.12 -32.80 14.47
CA TYR D 108 -1.16 -33.04 13.03
C TYR D 108 0.18 -32.74 12.36
N SER D 109 1.27 -32.67 13.13
CA SER D 109 2.57 -32.39 12.55
C SER D 109 3.04 -33.49 11.60
N THR D 110 2.70 -34.74 11.88
CA THR D 110 3.03 -35.80 10.92
C THR D 110 1.81 -36.54 10.43
N GLN D 111 0.78 -36.69 11.25
CA GLN D 111 -0.46 -37.35 10.84
C GLN D 111 -1.38 -36.29 10.27
N ALA D 112 -1.81 -36.49 9.03
CA ALA D 112 -2.73 -35.55 8.41
C ALA D 112 -4.10 -35.67 9.06
N PRO D 113 -4.87 -34.59 9.11
CA PRO D 113 -6.23 -34.67 9.64
C PRO D 113 -7.17 -35.38 8.68
N SER D 114 -8.39 -35.60 9.16
CA SER D 114 -9.39 -36.27 8.34
C SER D 114 -9.79 -35.39 7.16
N VAL D 115 -10.25 -36.03 6.08
CA VAL D 115 -10.67 -35.30 4.89
C VAL D 115 -11.83 -34.36 5.22
N GLN D 116 -12.72 -34.77 6.12
CA GLN D 116 -13.90 -33.97 6.43
C GLN D 116 -13.58 -32.75 7.29
N ALA D 117 -12.52 -32.81 8.08
CA ALA D 117 -12.26 -31.74 9.03
C ALA D 117 -11.21 -30.74 8.55
N ALA D 118 -10.58 -31.00 7.40
CA ALA D 118 -9.41 -30.21 7.00
C ALA D 118 -9.79 -28.75 6.75
N SER D 119 -10.91 -28.50 6.06
CA SER D 119 -11.38 -27.13 5.85
C SER D 119 -11.59 -26.38 7.16
N THR D 120 -12.36 -26.99 8.08
CA THR D 120 -12.67 -26.30 9.33
C THR D 120 -11.40 -26.04 10.12
N LEU D 121 -10.49 -27.02 10.13
CA LEU D 121 -9.21 -26.83 10.79
C LEU D 121 -8.44 -25.69 10.14
N GLY D 122 -8.54 -25.55 8.81
CA GLY D 122 -7.87 -24.46 8.13
C GLY D 122 -8.42 -23.12 8.56
N PHE D 123 -9.74 -23.01 8.72
CA PHE D 123 -10.29 -21.78 9.30
C PHE D 123 -9.67 -21.52 10.68
N GLU D 124 -9.69 -22.51 11.57
CA GLU D 124 -9.21 -22.27 12.92
C GLU D 124 -7.74 -21.92 12.92
N LEU D 125 -6.97 -22.55 12.02
CA LEU D 125 -5.53 -22.33 11.95
C LEU D 125 -5.23 -20.92 11.45
N LYS D 126 -5.91 -20.48 10.39
CA LYS D 126 -5.73 -19.11 9.92
C LYS D 126 -6.09 -18.11 11.01
N ALA D 127 -7.17 -18.40 11.75
CA ALA D 127 -7.56 -17.50 12.82
C ALA D 127 -6.47 -17.40 13.89
N ILE D 128 -6.00 -18.55 14.39
CA ILE D 128 -4.99 -18.56 15.44
C ILE D 128 -3.67 -17.98 14.92
N ASN D 129 -3.33 -18.21 13.65
CA ASN D 129 -2.10 -17.66 13.11
C ASN D 129 -2.16 -16.14 13.10
N SER D 130 -3.28 -15.58 12.65
CA SER D 130 -3.45 -14.13 12.74
C SER D 130 -3.35 -13.65 14.18
N LEU D 131 -4.01 -14.35 15.12
CA LEU D 131 -4.02 -13.90 16.51
C LEU D 131 -2.62 -13.90 17.12
N VAL D 132 -1.86 -14.98 16.92
CA VAL D 132 -0.53 -15.07 17.51
C VAL D 132 0.40 -14.06 16.86
N ASN D 133 0.24 -13.82 15.56
CA ASN D 133 1.07 -12.81 14.93
C ASN D 133 0.75 -11.40 15.45
N LYS D 134 -0.52 -11.12 15.73
CA LYS D 134 -0.85 -9.84 16.37
C LYS D 134 -0.25 -9.74 17.77
N LEU D 135 -0.30 -10.83 18.55
CA LEU D 135 0.33 -10.81 19.88
C LEU D 135 1.83 -10.64 19.79
N ALA D 136 2.46 -11.12 18.71
CA ALA D 136 3.90 -11.00 18.56
C ALA D 136 4.38 -9.56 18.41
N GLU D 137 3.47 -8.62 18.10
CA GLU D 137 3.84 -7.22 17.97
C GLU D 137 3.74 -6.45 19.29
N CYS D 138 3.36 -7.10 20.39
CA CYS D 138 3.06 -6.43 21.64
C CYS D 138 4.24 -6.32 22.59
N GLY D 139 5.43 -6.76 22.20
CA GLY D 139 6.56 -6.71 23.10
C GLY D 139 6.55 -7.77 24.17
N LEU D 140 5.89 -8.90 23.93
CA LEU D 140 6.01 -10.02 24.85
C LEU D 140 7.46 -10.50 24.89
N SER D 141 7.74 -11.38 25.84
CA SER D 141 9.07 -11.96 25.92
C SER D 141 9.07 -13.47 25.72
N LYS D 142 7.96 -14.16 25.96
CA LYS D 142 7.95 -15.58 25.66
C LYS D 142 6.56 -16.06 25.32
N PHE D 143 6.45 -16.90 24.30
CA PHE D 143 5.24 -17.67 24.01
C PHE D 143 5.39 -19.05 24.62
N ILE D 144 4.54 -19.39 25.58
CA ILE D 144 4.67 -20.62 26.33
C ILE D 144 3.72 -21.70 25.84
N LYS D 145 2.45 -21.36 25.63
CA LYS D 145 1.48 -22.41 25.33
C LYS D 145 0.37 -21.90 24.41
N VAL D 146 -0.01 -22.73 23.46
CA VAL D 146 -1.21 -22.54 22.65
C VAL D 146 -1.95 -23.88 22.69
N TYR D 147 -2.93 -23.98 23.57
CA TYR D 147 -3.68 -25.21 23.79
C TYR D 147 -5.00 -25.13 23.03
N ARG D 148 -5.30 -26.16 22.23
CA ARG D 148 -6.44 -26.13 21.33
C ARG D 148 -7.22 -27.43 21.47
N PRO D 149 -8.33 -27.42 22.22
CA PRO D 149 -9.17 -28.61 22.30
C PRO D 149 -9.69 -28.99 20.92
N GLN D 150 -9.83 -30.29 20.67
CA GLN D 150 -10.29 -30.72 19.36
C GLN D 150 -11.76 -30.38 19.15
N LEU D 151 -12.10 -30.09 17.91
CA LEU D 151 -13.47 -29.76 17.54
C LEU D 151 -14.29 -31.04 17.34
N PRO D 152 -15.61 -30.95 17.40
CA PRO D 152 -16.43 -32.14 17.12
C PRO D 152 -16.10 -32.81 15.78
N ILE D 153 -15.86 -32.03 14.73
CA ILE D 153 -15.65 -32.60 13.42
C ILE D 153 -14.37 -33.42 13.31
N GLU D 154 -13.44 -33.25 14.25
CA GLU D 154 -12.17 -34.00 14.20
C GLU D 154 -12.35 -35.45 14.62
N THR D 155 -13.37 -35.75 15.44
CA THR D 155 -13.62 -37.09 15.94
C THR D 155 -14.92 -37.62 15.33
N PRO D 156 -14.87 -38.43 14.26
CA PRO D 156 -16.09 -38.95 13.61
C PRO D 156 -16.97 -39.77 14.56
N GLN D 168 -28.51 -25.36 14.08
CA GLN D 168 -28.23 -24.43 12.98
C GLN D 168 -28.02 -22.99 13.46
N ALA D 169 -27.32 -22.86 14.60
CA ALA D 169 -26.98 -21.61 15.26
C ALA D 169 -26.33 -20.62 14.30
N PRO D 170 -26.37 -19.32 14.60
CA PRO D 170 -25.68 -18.35 13.72
C PRO D 170 -24.17 -18.49 13.77
N TRP D 171 -23.62 -18.90 14.91
CA TRP D 171 -22.18 -19.08 15.04
C TRP D 171 -21.90 -20.13 16.12
N THR D 172 -20.69 -20.66 16.08
CA THR D 172 -20.21 -21.69 16.98
C THR D 172 -18.91 -21.25 17.62
N PRO D 173 -18.74 -21.45 18.92
CA PRO D 173 -17.46 -21.14 19.53
C PRO D 173 -16.49 -22.29 19.35
N MET D 174 -15.22 -21.91 19.25
CA MET D 174 -14.10 -22.85 19.17
C MET D 174 -13.16 -22.44 20.29
N PRO D 175 -13.03 -23.23 21.33
CA PRO D 175 -12.26 -22.76 22.50
C PRO D 175 -10.77 -22.91 22.24
N LEU D 176 -10.00 -22.06 22.89
CA LEU D 176 -8.56 -22.28 22.98
C LEU D 176 -8.04 -21.46 24.14
N GLU D 177 -6.81 -21.78 24.56
CA GLU D 177 -6.13 -21.09 25.64
C GLU D 177 -4.70 -20.83 25.23
N ILE D 178 -4.24 -19.60 25.42
CA ILE D 178 -2.87 -19.23 25.10
C ILE D 178 -2.18 -18.80 26.38
N ALA D 179 -0.87 -18.97 26.42
CA ALA D 179 -0.09 -18.57 27.57
C ALA D 179 1.17 -17.88 27.09
N PHE D 180 1.49 -16.77 27.72
CA PHE D 180 2.64 -16.00 27.33
C PHE D 180 3.21 -15.31 28.55
N GLN D 181 4.34 -14.65 28.37
CA GLN D 181 5.05 -14.02 29.47
C GLN D 181 5.60 -12.70 28.99
N GLY D 182 5.42 -11.66 29.81
CA GLY D 182 5.93 -10.35 29.49
C GLY D 182 5.64 -9.38 30.60
N ASP D 183 6.09 -8.14 30.41
CA ASP D 183 5.81 -7.10 31.40
C ASP D 183 4.38 -6.59 31.25
N ARG D 184 3.98 -5.70 32.15
CA ARG D 184 2.58 -5.30 32.24
C ARG D 184 2.12 -4.55 31.00
N GLU D 185 2.96 -3.64 30.50
CA GLU D 185 2.62 -2.90 29.29
C GLU D 185 2.26 -3.86 28.16
N SER D 186 3.09 -4.89 27.98
CA SER D 186 2.85 -5.86 26.91
C SER D 186 1.59 -6.68 27.15
N VAL D 187 1.22 -6.94 28.41
CA VAL D 187 -0.01 -7.69 28.67
C VAL D 187 -1.23 -6.86 28.26
N LEU D 188 -1.26 -5.57 28.61
CA LEU D 188 -2.36 -4.72 28.15
C LEU D 188 -2.35 -4.57 26.62
N LYS D 189 -1.18 -4.41 26.02
CA LYS D 189 -1.10 -4.38 24.55
C LYS D 189 -1.69 -5.64 23.95
N ALA D 190 -1.44 -6.79 24.58
CA ALA D 190 -2.03 -8.04 24.11
C ALA D 190 -3.55 -8.03 24.22
N MET D 191 -4.07 -7.51 25.33
CA MET D 191 -5.52 -7.38 25.48
C MET D 191 -6.10 -6.62 24.30
N ASN D 192 -5.55 -5.41 24.06
CA ASN D 192 -6.05 -4.56 22.99
C ASN D 192 -5.87 -5.21 21.62
N ALA D 193 -4.75 -5.90 21.41
CA ALA D 193 -4.50 -6.53 20.12
C ALA D 193 -5.56 -7.57 19.83
N ILE D 194 -5.90 -8.39 20.83
CA ILE D 194 -6.99 -9.35 20.65
C ILE D 194 -8.29 -8.62 20.30
N THR D 195 -8.63 -7.59 21.06
CA THR D 195 -9.92 -6.94 20.84
C THR D 195 -10.00 -6.23 19.48
N GLY D 196 -8.91 -5.63 19.04
CA GLY D 196 -8.98 -4.86 17.82
C GLY D 196 -8.99 -5.66 16.54
N MET D 197 -9.01 -6.98 16.66
CA MET D 197 -8.87 -7.86 15.51
C MET D 197 -10.02 -7.59 14.55
N GLN D 198 -9.70 -7.42 13.27
CA GLN D 198 -10.76 -7.13 12.32
C GLN D 198 -11.11 -8.31 11.44
N ASP D 199 -10.23 -9.30 11.35
CA ASP D 199 -10.46 -10.45 10.49
C ASP D 199 -11.09 -11.64 11.22
N TYR D 200 -10.77 -11.86 12.50
CA TYR D 200 -11.34 -12.95 13.27
C TYR D 200 -11.82 -12.44 14.63
N LEU D 201 -12.92 -13.03 15.11
CA LEU D 201 -13.57 -12.61 16.34
C LEU D 201 -13.16 -13.53 17.51
N PHE D 202 -12.34 -13.01 18.43
CA PHE D 202 -11.96 -13.74 19.65
C PHE D 202 -12.59 -13.07 20.86
N THR D 203 -13.29 -13.85 21.70
CA THR D 203 -13.81 -13.36 22.98
C THR D 203 -13.00 -13.93 24.13
N VAL D 204 -12.89 -13.16 25.20
CA VAL D 204 -12.05 -13.50 26.35
C VAL D 204 -12.92 -14.11 27.44
N ASN D 205 -12.66 -15.39 27.77
CA ASN D 205 -13.34 -16.01 28.90
C ASN D 205 -12.68 -15.67 30.22
N SER D 206 -11.35 -15.70 30.30
CA SER D 206 -10.73 -15.36 31.58
C SER D 206 -9.24 -15.11 31.42
N ILE D 207 -8.69 -14.36 32.39
CA ILE D 207 -7.25 -14.10 32.48
C ILE D 207 -6.74 -14.58 33.84
N ARG D 208 -5.59 -15.28 33.83
CA ARG D 208 -4.95 -15.75 35.05
C ARG D 208 -3.51 -15.24 35.05
N ILE D 209 -3.06 -14.69 36.18
CA ILE D 209 -1.73 -14.10 36.30
C ILE D 209 -0.92 -14.84 37.36
N ARG D 210 0.30 -15.27 36.99
CA ARG D 210 1.22 -15.96 37.89
C ARG D 210 2.61 -15.31 37.82
N ASN D 211 3.50 -15.77 38.70
CA ASN D 211 4.89 -15.34 38.71
C ASN D 211 5.62 -15.86 37.46
N GLU D 212 6.78 -15.27 37.19
CA GLU D 212 7.57 -15.74 36.06
C GLU D 212 8.02 -17.19 36.27
N ARG D 213 8.15 -17.91 35.16
CA ARG D 213 8.81 -19.21 35.15
C ARG D 213 10.26 -19.03 34.76
N MET D 214 11.11 -19.95 35.24
CA MET D 214 12.55 -19.84 35.03
C MET D 214 12.97 -20.65 33.81
N MET D 215 13.96 -20.14 33.09
CA MET D 215 14.45 -20.82 31.89
C MET D 215 15.30 -22.01 32.31
N PRO D 216 14.96 -23.23 31.87
CA PRO D 216 15.57 -24.51 32.29
C PRO D 216 17.06 -24.63 31.97
N GLU D 264 9.68 -6.17 35.13
CA GLU D 264 9.15 -7.25 35.95
C GLU D 264 8.21 -8.11 35.12
N GLN D 265 8.55 -9.38 34.97
CA GLN D 265 7.87 -10.26 34.04
C GLN D 265 6.75 -11.03 34.74
N VAL D 266 5.61 -11.16 34.06
CA VAL D 266 4.48 -11.90 34.59
C VAL D 266 4.04 -12.95 33.58
N PHE D 267 3.46 -14.03 34.09
CA PHE D 267 3.02 -15.16 33.30
C PHE D 267 1.51 -15.08 33.17
N VAL D 268 1.02 -14.97 31.94
CA VAL D 268 -0.39 -14.76 31.66
C VAL D 268 -0.94 -15.98 30.95
N GLN D 269 -2.13 -16.40 31.37
CA GLN D 269 -2.90 -17.39 30.65
C GLN D 269 -4.26 -16.82 30.31
N VAL D 270 -4.62 -16.86 29.04
CA VAL D 270 -5.85 -16.26 28.55
C VAL D 270 -6.68 -17.38 27.95
N SER D 271 -7.90 -17.53 28.45
CA SER D 271 -8.87 -18.48 27.95
C SER D 271 -9.81 -17.73 27.03
N LEU D 272 -9.90 -18.19 25.77
CA LEU D 272 -10.55 -17.51 24.67
C LEU D 272 -11.53 -18.43 23.97
N ASN D 273 -12.50 -17.79 23.30
CA ASN D 273 -13.42 -18.43 22.36
C ASN D 273 -13.24 -17.75 21.00
N LEU D 274 -12.93 -18.54 19.97
CA LEU D 274 -12.94 -18.07 18.60
C LEU D 274 -14.34 -18.29 18.03
N VAL D 275 -14.92 -17.26 17.42
CA VAL D 275 -16.30 -17.33 16.96
C VAL D 275 -16.29 -17.66 15.47
N HIS D 276 -16.88 -18.79 15.11
CA HIS D 276 -16.98 -19.19 13.71
C HIS D 276 -18.41 -18.97 13.24
N PHE D 277 -18.58 -18.12 12.25
CA PHE D 277 -19.91 -17.85 11.73
C PHE D 277 -20.31 -18.93 10.76
N ASN D 278 -21.47 -19.55 11.02
CA ASN D 278 -21.85 -20.77 10.30
C ASN D 278 -22.20 -20.45 8.86
N GLN D 279 -21.70 -21.30 7.99
CA GLN D 279 -21.76 -21.22 6.55
C GLN D 279 -22.70 -22.28 6.00
N PRO D 280 -23.34 -22.03 4.87
CA PRO D 280 -24.03 -23.12 4.15
C PRO D 280 -23.01 -23.96 3.41
N LYS D 281 -23.03 -25.27 3.66
CA LYS D 281 -22.07 -26.18 3.03
C LYS D 281 -22.62 -26.86 1.78
N ALA D 282 -23.77 -26.41 1.28
CA ALA D 282 -24.39 -26.98 0.09
C ALA D 282 -23.59 -26.64 -1.17
N SER E 34 0.12 -10.70 47.10
CA SER E 34 0.70 -10.69 45.76
C SER E 34 0.00 -9.65 44.86
N SER E 35 0.81 -8.79 44.24
CA SER E 35 0.30 -7.87 43.22
C SER E 35 -0.22 -8.63 42.00
N ASN E 36 0.07 -9.92 41.90
CA ASN E 36 -0.48 -10.74 40.83
C ASN E 36 -2.00 -10.80 40.93
N GLU E 37 -2.53 -11.02 42.13
CA GLU E 37 -3.97 -11.08 42.32
C GLU E 37 -4.64 -9.75 42.01
N GLU E 38 -4.00 -8.65 42.41
CA GLU E 38 -4.50 -7.31 42.07
C GLU E 38 -4.58 -7.13 40.56
N LEU E 39 -3.50 -7.47 39.85
CA LEU E 39 -3.50 -7.31 38.39
C LEU E 39 -4.51 -8.22 37.71
N GLU E 40 -4.66 -9.44 38.19
CA GLU E 40 -5.63 -10.35 37.60
C GLU E 40 -7.04 -9.81 37.79
N LYS E 41 -7.36 -9.27 38.96
CA LYS E 41 -8.67 -8.65 39.17
C LYS E 41 -8.87 -7.48 38.20
N GLU E 42 -7.86 -6.61 38.10
CA GLU E 42 -7.98 -5.45 37.21
C GLU E 42 -8.16 -5.85 35.76
N LEU E 43 -7.39 -6.84 35.30
CA LEU E 43 -7.46 -7.27 33.90
C LEU E 43 -8.78 -7.97 33.59
N ASN E 44 -9.29 -8.80 34.52
CA ASN E 44 -10.58 -9.44 34.24
C ASN E 44 -11.72 -8.44 34.28
N ARG E 45 -11.64 -7.42 35.15
CA ARG E 45 -12.63 -6.36 35.12
C ARG E 45 -12.60 -5.64 33.78
N TYR E 46 -11.38 -5.31 33.31
CA TYR E 46 -11.26 -4.62 32.03
C TYR E 46 -11.79 -5.46 30.87
N ALA E 47 -11.49 -6.76 30.88
CA ALA E 47 -11.98 -7.64 29.83
C ALA E 47 -13.50 -7.74 29.83
N LYS E 48 -14.10 -7.87 31.01
CA LYS E 48 -15.57 -7.91 31.07
C LYS E 48 -16.16 -6.57 30.64
N ALA E 49 -15.50 -5.46 30.96
CA ALA E 49 -15.97 -4.15 30.51
C ALA E 49 -15.93 -4.04 28.99
N VAL E 50 -14.79 -4.42 28.39
CA VAL E 50 -14.65 -4.36 26.94
C VAL E 50 -15.65 -5.29 26.26
N GLY E 51 -15.84 -6.50 26.82
CA GLY E 51 -16.75 -7.44 26.19
C GLY E 51 -18.18 -6.94 26.10
N SER E 52 -18.64 -6.17 27.09
CA SER E 52 -20.00 -5.66 27.09
C SER E 52 -20.16 -4.42 26.21
N LEU E 53 -19.09 -3.95 25.58
CA LEU E 53 -19.17 -2.80 24.70
C LEU E 53 -19.79 -3.22 23.37
N GLU E 54 -20.63 -2.34 22.81
CA GLU E 54 -21.16 -2.58 21.48
C GLU E 54 -20.04 -2.82 20.48
N THR E 55 -20.17 -3.89 19.70
CA THR E 55 -19.08 -4.35 18.85
C THR E 55 -18.65 -3.31 17.82
N ALA E 56 -19.41 -2.23 17.64
CA ALA E 56 -18.97 -1.18 16.73
C ALA E 56 -17.92 -0.27 17.35
N TYR E 57 -17.92 -0.11 18.67
CA TYR E 57 -16.94 0.76 19.30
C TYR E 57 -15.57 0.12 19.45
N LYS E 58 -15.44 -1.17 19.15
CA LYS E 58 -14.16 -1.86 19.33
C LYS E 58 -13.03 -1.31 18.46
N PRO E 59 -13.23 -0.93 17.19
CA PRO E 59 -12.13 -0.33 16.42
C PRO E 59 -11.54 0.92 17.05
N PHE E 60 -12.27 1.61 17.94
CA PHE E 60 -11.79 2.83 18.61
C PHE E 60 -10.94 2.54 19.83
N LEU E 61 -10.95 1.29 20.32
CA LEU E 61 -10.19 0.95 21.51
C LEU E 61 -8.69 0.99 21.29
N ALA E 62 -8.23 0.68 20.08
CA ALA E 62 -6.79 0.60 19.85
C ALA E 62 -6.10 1.91 20.19
N SER E 63 -6.60 3.02 19.64
CA SER E 63 -5.94 4.31 19.77
C SER E 63 -6.13 4.98 21.12
N SER E 64 -7.07 4.51 21.95
CA SER E 64 -7.20 5.06 23.30
C SER E 64 -6.13 4.55 24.25
N ALA E 65 -5.36 3.53 23.86
CA ALA E 65 -4.26 3.06 24.68
C ALA E 65 -3.22 4.17 24.83
N LEU E 66 -2.74 4.36 26.05
CA LEU E 66 -1.77 5.40 26.33
C LEU E 66 -0.36 4.91 26.07
N VAL E 67 0.42 5.76 25.41
CA VAL E 67 1.82 5.48 25.08
C VAL E 67 2.71 6.24 26.06
N PRO E 68 3.71 5.61 26.65
CA PRO E 68 4.64 6.34 27.54
C PRO E 68 5.24 7.53 26.83
N THR E 69 5.17 8.70 27.47
CA THR E 69 5.52 9.96 26.83
C THR E 69 6.11 10.88 27.89
N THR E 70 7.35 11.32 27.68
CA THR E 70 7.87 12.38 28.52
C THR E 70 7.24 13.71 28.11
N PRO E 71 7.28 14.71 28.98
CA PRO E 71 6.77 16.03 28.55
C PRO E 71 7.50 16.54 27.33
N THR E 72 8.81 16.32 27.27
CA THR E 72 9.57 16.78 26.11
C THR E 72 9.19 16.04 24.84
N ALA E 73 9.02 14.72 24.92
CA ALA E 73 8.55 13.97 23.76
C ALA E 73 7.20 14.50 23.29
N PHE E 74 6.31 14.81 24.24
CA PHE E 74 5.03 15.40 23.86
C PHE E 74 5.25 16.70 23.11
N GLN E 75 6.12 17.58 23.62
CA GLN E 75 6.34 18.86 22.96
C GLN E 75 6.90 18.66 21.55
N ASN E 76 7.83 17.72 21.40
CA ASN E 76 8.40 17.45 20.09
C ASN E 76 7.33 16.99 19.11
N GLU E 77 6.44 16.09 19.55
CA GLU E 77 5.35 15.67 18.68
C GLU E 77 4.40 16.83 18.37
N LEU E 78 4.14 17.69 19.36
CA LEU E 78 3.28 18.85 19.12
C LEU E 78 3.88 19.76 18.05
N LYS E 79 5.16 20.08 18.19
CA LYS E 79 5.80 20.99 17.24
C LYS E 79 5.91 20.34 15.86
N THR E 80 6.17 19.04 15.80
CA THR E 80 6.22 18.37 14.50
C THR E 80 4.85 18.35 13.83
N PHE E 81 3.80 17.98 14.58
CA PHE E 81 2.44 18.01 14.03
C PHE E 81 2.09 19.39 13.53
N ARG E 82 2.49 20.43 14.27
CA ARG E 82 2.18 21.79 13.84
C ARG E 82 2.89 22.14 12.54
N ASP E 83 4.19 21.79 12.42
CA ASP E 83 4.91 22.05 11.18
C ASP E 83 4.26 21.35 10.00
N SER E 84 3.90 20.06 10.17
CA SER E 84 3.24 19.32 9.10
C SER E 84 1.93 19.97 8.70
N LEU E 85 1.12 20.35 9.69
CA LEU E 85 -0.18 20.94 9.38
C LEU E 85 -0.04 22.26 8.63
N ILE E 86 0.90 23.12 9.05
CA ILE E 86 1.10 24.38 8.34
C ILE E 86 1.54 24.12 6.91
N SER E 87 2.46 23.17 6.71
CA SER E 87 2.94 22.87 5.36
C SER E 87 1.82 22.31 4.50
N SER E 88 1.01 21.42 5.07
CA SER E 88 -0.12 20.84 4.36
C SER E 88 -1.15 21.89 3.98
N CYS E 89 -1.41 22.84 4.87
CA CYS E 89 -2.35 23.91 4.53
C CYS E 89 -1.80 24.79 3.43
N LYS E 90 -0.49 25.05 3.46
CA LYS E 90 0.11 25.80 2.35
C LYS E 90 -0.12 25.08 1.03
N LYS E 91 0.18 23.78 0.97
CA LYS E 91 -0.02 23.06 -0.29
C LYS E 91 -1.49 23.06 -0.72
N LYS E 92 -2.42 23.02 0.22
CA LYS E 92 -3.84 22.90 -0.11
C LYS E 92 -4.54 24.24 -0.26
N ASN E 93 -3.82 25.36 -0.13
CA ASN E 93 -4.39 26.71 -0.24
C ASN E 93 -5.46 26.95 0.82
N ILE E 94 -5.11 26.61 2.06
CA ILE E 94 -5.94 26.84 3.23
C ILE E 94 -5.19 27.77 4.16
N LEU E 95 -5.81 28.91 4.51
CA LEU E 95 -5.24 29.80 5.51
C LEU E 95 -5.44 29.21 6.90
N ILE E 96 -4.44 29.34 7.75
CA ILE E 96 -4.55 28.84 9.12
C ILE E 96 -3.91 29.83 10.08
N THR E 97 -4.68 30.34 11.02
CA THR E 97 -4.18 31.29 12.00
C THR E 97 -3.14 30.60 12.88
N ASP E 98 -2.29 31.41 13.51
CA ASP E 98 -1.26 30.81 14.35
C ASP E 98 -1.87 30.10 15.55
N THR E 99 -3.03 30.56 16.04
CA THR E 99 -3.62 29.92 17.20
C THR E 99 -4.20 28.57 16.84
N SER E 100 -4.88 28.49 15.69
CA SER E 100 -5.42 27.23 15.20
C SER E 100 -4.32 26.19 15.04
N SER E 101 -3.15 26.59 14.53
CA SER E 101 -2.09 25.66 14.17
C SER E 101 -1.51 24.92 15.38
N TRP E 102 -1.76 25.35 16.61
CA TRP E 102 -1.28 24.59 17.77
C TRP E 102 -2.26 23.52 18.23
N LEU E 103 -3.37 23.32 17.50
CA LEU E 103 -4.26 22.18 17.70
C LEU E 103 -4.84 22.12 19.12
N GLY E 104 -5.00 23.29 19.74
CA GLY E 104 -5.52 23.37 21.09
C GLY E 104 -4.50 23.21 22.18
N PHE E 105 -3.20 23.19 21.85
CA PHE E 105 -2.17 23.01 22.85
C PHE E 105 -1.18 24.16 22.89
N GLN E 106 -1.60 25.34 22.40
CA GLN E 106 -0.71 26.51 22.37
C GLN E 106 -0.12 26.77 23.74
N VAL E 107 -0.88 26.40 24.77
CA VAL E 107 -0.46 26.48 26.16
C VAL E 107 0.89 25.81 26.40
N TYR E 108 1.25 24.84 25.55
CA TYR E 108 2.48 24.08 25.73
C TYR E 108 3.53 24.36 24.66
N SER E 109 3.41 25.49 23.94
CA SER E 109 4.34 25.80 22.86
C SER E 109 5.77 26.02 23.35
N THR E 110 5.97 26.57 24.54
CA THR E 110 7.32 26.64 25.11
C THR E 110 7.47 25.95 26.46
N GLN E 111 6.42 25.92 27.30
CA GLN E 111 6.50 25.26 28.59
C GLN E 111 5.98 23.82 28.49
N ALA E 112 6.79 22.87 28.94
CA ALA E 112 6.43 21.47 28.88
C ALA E 112 5.30 21.12 29.86
N PRO E 113 4.46 20.15 29.51
CA PRO E 113 3.40 19.71 30.43
C PRO E 113 3.97 18.85 31.56
N SER E 114 3.09 18.55 32.52
CA SER E 114 3.50 17.76 33.68
C SER E 114 3.81 16.33 33.26
N VAL E 115 4.64 15.67 34.07
CA VAL E 115 5.00 14.29 33.77
C VAL E 115 3.75 13.40 33.77
N GLN E 116 2.81 13.68 34.66
CA GLN E 116 1.64 12.83 34.86
C GLN E 116 0.60 13.00 33.76
N ALA E 117 0.57 14.15 33.10
CA ALA E 117 -0.47 14.41 32.11
C ALA E 117 -0.02 14.17 30.67
N ALA E 118 1.26 13.85 30.45
CA ALA E 118 1.80 13.82 29.08
C ALA E 118 1.16 12.73 28.24
N SER E 119 1.00 11.52 28.79
CA SER E 119 0.35 10.41 28.08
C SER E 119 -1.04 10.80 27.59
N THR E 120 -1.87 11.29 28.50
CA THR E 120 -3.24 11.62 28.15
C THR E 120 -3.26 12.73 27.11
N LEU E 121 -2.41 13.73 27.31
CA LEU E 121 -2.32 14.82 26.36
C LEU E 121 -1.88 14.33 24.99
N GLY E 122 -0.98 13.34 24.97
CA GLY E 122 -0.57 12.74 23.70
C GLY E 122 -1.72 12.04 23.01
N PHE E 123 -2.55 11.33 23.78
CA PHE E 123 -3.76 10.77 23.18
C PHE E 123 -4.60 11.86 22.53
N GLU E 124 -4.92 12.90 23.29
CA GLU E 124 -5.79 13.94 22.77
C GLU E 124 -5.16 14.66 21.58
N LEU E 125 -3.83 14.82 21.60
CA LEU E 125 -3.15 15.47 20.49
C LEU E 125 -3.18 14.61 19.23
N LYS E 126 -2.92 13.31 19.36
CA LYS E 126 -3.03 12.44 18.19
C LYS E 126 -4.44 12.46 17.62
N ALA E 127 -5.45 12.41 18.49
CA ALA E 127 -6.83 12.43 18.03
C ALA E 127 -7.15 13.73 17.30
N ILE E 128 -6.81 14.87 17.89
CA ILE E 128 -7.13 16.16 17.27
C ILE E 128 -6.37 16.34 15.97
N ASN E 129 -5.11 15.88 15.93
CA ASN E 129 -4.31 15.99 14.72
C ASN E 129 -4.92 15.18 13.59
N SER E 130 -5.36 13.94 13.89
CA SER E 130 -6.06 13.16 12.89
C SER E 130 -7.30 13.90 12.40
N LEU E 131 -8.09 14.45 13.33
CA LEU E 131 -9.34 15.10 12.95
C LEU E 131 -9.08 16.29 12.03
N VAL E 132 -8.11 17.13 12.40
CA VAL E 132 -7.84 18.33 11.63
C VAL E 132 -7.29 17.96 10.26
N ASN E 133 -6.44 16.94 10.19
CA ASN E 133 -5.93 16.55 8.88
C ASN E 133 -7.04 16.01 7.98
N LYS E 134 -8.00 15.26 8.54
CA LYS E 134 -9.15 14.83 7.75
C LYS E 134 -9.96 16.04 7.27
N LEU E 135 -10.14 17.04 8.14
CA LEU E 135 -10.87 18.24 7.72
C LEU E 135 -10.16 18.99 6.60
N ALA E 136 -8.82 18.93 6.58
CA ALA E 136 -8.06 19.64 5.55
C ALA E 136 -8.31 19.10 4.14
N GLU E 137 -8.85 17.90 3.98
CA GLU E 137 -9.15 17.33 2.67
C GLU E 137 -10.54 17.68 2.15
N CYS E 138 -11.32 18.47 2.88
CA CYS E 138 -12.70 18.74 2.52
C CYS E 138 -12.85 20.00 1.68
N GLY E 139 -11.74 20.65 1.31
CA GLY E 139 -11.82 21.85 0.51
C GLY E 139 -12.25 23.09 1.25
N LEU E 140 -12.00 23.15 2.55
CA LEU E 140 -12.24 24.39 3.30
C LEU E 140 -11.38 25.52 2.76
N SER E 141 -11.63 26.72 3.26
CA SER E 141 -10.83 27.87 2.90
C SER E 141 -10.12 28.52 4.08
N LYS E 142 -10.58 28.32 5.32
CA LYS E 142 -9.82 28.86 6.45
C LYS E 142 -10.06 28.03 7.71
N PHE E 143 -8.98 27.77 8.45
CA PHE E 143 -9.03 27.25 9.82
C PHE E 143 -8.88 28.44 10.76
N ILE E 144 -9.91 28.71 11.56
CA ILE E 144 -9.95 29.91 12.38
C ILE E 144 -9.59 29.60 13.84
N LYS E 145 -10.17 28.54 14.41
CA LYS E 145 -9.99 28.29 15.83
C LYS E 145 -10.02 26.80 16.13
N VAL E 146 -9.13 26.37 17.03
CA VAL E 146 -9.13 25.04 17.62
C VAL E 146 -8.99 25.25 19.12
N TYR E 147 -10.11 25.30 19.84
CA TYR E 147 -10.11 25.56 21.28
C TYR E 147 -10.29 24.27 22.04
N ARG E 148 -9.47 24.07 23.06
CA ARG E 148 -9.41 22.81 23.80
C ARG E 148 -9.40 23.06 25.30
N PRO E 149 -10.53 22.92 25.98
CA PRO E 149 -10.54 23.07 27.44
C PRO E 149 -9.61 22.06 28.09
N GLN E 150 -8.95 22.49 29.16
CA GLN E 150 -7.96 21.63 29.79
C GLN E 150 -8.62 20.45 30.48
N LEU E 151 -7.90 19.35 30.54
CA LEU E 151 -8.35 18.14 31.18
C LEU E 151 -8.08 18.22 32.67
N PRO E 152 -8.79 17.42 33.49
CA PRO E 152 -8.50 17.38 34.94
C PRO E 152 -7.04 17.11 35.27
N ILE E 153 -6.40 16.20 34.53
CA ILE E 153 -5.05 15.75 34.87
C ILE E 153 -4.00 16.85 34.65
N GLU E 154 -4.36 17.89 33.90
CA GLU E 154 -3.45 19.02 33.67
C GLU E 154 -3.30 19.90 34.92
N THR E 155 -4.29 19.87 35.81
CA THR E 155 -4.33 20.69 37.01
C THR E 155 -4.12 19.80 38.23
N PRO E 156 -2.90 19.73 38.79
CA PRO E 156 -2.57 18.87 39.94
C PRO E 156 -3.44 19.13 41.17
N GLN E 168 -14.61 2.71 37.81
CA GLN E 168 -14.09 3.13 36.51
C GLN E 168 -15.19 3.17 35.45
N ALA E 169 -15.39 4.34 34.86
CA ALA E 169 -16.34 4.50 33.76
C ALA E 169 -15.81 3.82 32.51
N PRO E 170 -16.69 3.41 31.58
CA PRO E 170 -16.19 2.81 30.34
C PRO E 170 -15.48 3.79 29.43
N TRP E 171 -15.86 5.08 29.44
CA TRP E 171 -15.20 6.08 28.61
C TRP E 171 -15.36 7.46 29.22
N THR E 172 -14.51 8.39 28.78
CA THR E 172 -14.51 9.76 29.27
C THR E 172 -14.56 10.72 28.09
N PRO E 173 -15.42 11.75 28.13
CA PRO E 173 -15.40 12.76 27.07
C PRO E 173 -14.38 13.84 27.32
N MET E 174 -13.84 14.36 26.22
CA MET E 174 -12.86 15.45 26.23
C MET E 174 -13.41 16.49 25.25
N PRO E 175 -13.77 17.67 25.72
CA PRO E 175 -14.45 18.62 24.85
C PRO E 175 -13.49 19.36 23.93
N LEU E 176 -14.01 19.80 22.79
CA LEU E 176 -13.27 20.79 22.02
C LEU E 176 -14.23 21.49 21.07
N GLU E 177 -13.80 22.64 20.57
CA GLU E 177 -14.57 23.41 19.60
C GLU E 177 -13.62 23.88 18.52
N ILE E 178 -14.01 23.65 17.27
CA ILE E 178 -13.21 24.08 16.13
C ILE E 178 -14.06 25.07 15.35
N ALA E 179 -13.38 25.97 14.65
CA ALA E 179 -14.05 26.98 13.86
C ALA E 179 -13.35 27.10 12.51
N PHE E 180 -14.14 27.15 11.44
CA PHE E 180 -13.54 27.25 10.11
C PHE E 180 -14.48 28.02 9.20
N GLN E 181 -14.03 28.21 7.96
CA GLN E 181 -14.73 29.00 6.97
C GLN E 181 -14.63 28.29 5.64
N GLY E 182 -15.74 28.19 4.93
CA GLY E 182 -15.74 27.56 3.62
C GLY E 182 -17.10 27.58 2.98
N ASP E 183 -17.18 27.02 1.77
CA ASP E 183 -18.45 26.91 1.07
C ASP E 183 -19.26 25.73 1.62
N ARG E 184 -20.49 25.58 1.11
CA ARG E 184 -21.43 24.60 1.65
C ARG E 184 -20.95 23.17 1.43
N GLU E 185 -20.45 22.89 0.22
CA GLU E 185 -19.94 21.56 -0.10
C GLU E 185 -18.88 21.12 0.89
N SER E 186 -17.95 22.03 1.23
CA SER E 186 -16.87 21.69 2.15
C SER E 186 -17.40 21.44 3.56
N VAL E 187 -18.45 22.16 3.98
CA VAL E 187 -19.00 21.92 5.32
C VAL E 187 -19.68 20.56 5.40
N LEU E 188 -20.42 20.18 4.35
CA LEU E 188 -21.01 18.84 4.32
C LEU E 188 -19.92 17.77 4.33
N LYS E 189 -18.86 17.97 3.52
CA LYS E 189 -17.74 17.05 3.51
C LYS E 189 -17.11 16.94 4.89
N ALA E 190 -17.02 18.07 5.62
CA ALA E 190 -16.47 18.05 6.96
C ALA E 190 -17.33 17.23 7.91
N MET E 191 -18.66 17.39 7.82
CA MET E 191 -19.56 16.58 8.63
C MET E 191 -19.31 15.09 8.38
N ASN E 192 -19.28 14.70 7.11
CA ASN E 192 -19.03 13.30 6.78
C ASN E 192 -17.66 12.84 7.27
N ALA E 193 -16.65 13.72 7.16
CA ALA E 193 -15.30 13.35 7.58
C ALA E 193 -15.24 13.07 9.06
N ILE E 194 -15.84 13.93 9.87
CA ILE E 194 -15.91 13.67 11.31
C ILE E 194 -16.66 12.38 11.58
N THR E 195 -17.82 12.20 10.93
CA THR E 195 -18.66 11.04 11.21
C THR E 195 -18.00 9.72 10.80
N GLY E 196 -17.27 9.72 9.68
CA GLY E 196 -16.66 8.52 9.13
C GLY E 196 -15.35 8.09 9.75
N MET E 197 -14.92 8.77 10.81
CA MET E 197 -13.62 8.52 11.42
C MET E 197 -13.55 7.11 11.98
N GLN E 198 -12.48 6.39 11.67
CA GLN E 198 -12.36 5.03 12.18
C GLN E 198 -11.36 4.88 13.30
N ASP E 199 -10.44 5.84 13.49
CA ASP E 199 -9.44 5.69 14.54
C ASP E 199 -9.86 6.37 15.84
N TYR E 200 -10.58 7.48 15.78
CA TYR E 200 -10.98 8.19 16.97
C TYR E 200 -12.45 8.55 16.89
N LEU E 201 -13.14 8.49 18.03
CA LEU E 201 -14.57 8.74 18.09
C LEU E 201 -14.84 10.17 18.52
N PHE E 202 -15.33 10.98 17.60
CA PHE E 202 -15.79 12.34 17.88
C PHE E 202 -17.31 12.41 17.72
N THR E 203 -17.98 12.90 18.76
CA THR E 203 -19.42 13.16 18.67
C THR E 203 -19.68 14.66 18.55
N VAL E 204 -20.73 15.01 17.80
CA VAL E 204 -21.04 16.41 17.50
C VAL E 204 -22.06 16.92 18.51
N ASN E 205 -21.66 17.90 19.31
CA ASN E 205 -22.61 18.51 20.22
C ASN E 205 -23.43 19.58 19.53
N SER E 206 -22.78 20.45 18.76
CA SER E 206 -23.60 21.48 18.10
C SER E 206 -22.83 22.15 16.97
N ILE E 207 -23.59 22.65 15.99
CA ILE E 207 -23.06 23.42 14.88
C ILE E 207 -23.74 24.78 14.85
N ARG E 208 -22.96 25.84 14.68
CA ARG E 208 -23.48 27.19 14.56
C ARG E 208 -22.93 27.85 13.31
N ILE E 209 -23.80 28.54 12.57
CA ILE E 209 -23.42 29.22 11.33
C ILE E 209 -23.56 30.71 11.56
N ARG E 210 -22.46 31.45 11.37
CA ARG E 210 -22.47 32.90 11.58
C ARG E 210 -21.87 33.65 10.41
N ASN E 211 -21.08 34.67 10.71
CA ASN E 211 -20.43 35.53 9.71
C ASN E 211 -18.95 35.73 10.03
N GLU E 264 -19.39 31.76 -2.28
CA GLU E 264 -20.26 31.84 -1.11
C GLU E 264 -19.60 31.23 0.12
N GLN E 265 -19.08 32.07 1.01
CA GLN E 265 -18.35 31.60 2.18
C GLN E 265 -19.16 31.76 3.45
N VAL E 266 -19.12 30.73 4.30
CA VAL E 266 -19.81 30.74 5.58
C VAL E 266 -18.84 30.37 6.69
N PHE E 267 -19.15 30.86 7.89
CA PHE E 267 -18.34 30.65 9.09
C PHE E 267 -19.05 29.61 9.94
N VAL E 268 -18.38 28.48 10.17
CA VAL E 268 -18.95 27.35 10.89
C VAL E 268 -18.20 27.20 12.20
N GLN E 269 -18.93 26.95 13.28
CA GLN E 269 -18.32 26.57 14.54
C GLN E 269 -18.94 25.27 15.00
N VAL E 270 -18.10 24.28 15.27
CA VAL E 270 -18.54 22.94 15.64
C VAL E 270 -18.02 22.63 17.03
N SER E 271 -18.93 22.27 17.93
CA SER E 271 -18.60 21.83 19.27
C SER E 271 -18.73 20.31 19.31
N LEU E 272 -17.64 19.64 19.72
CA LEU E 272 -17.44 18.21 19.61
C LEU E 272 -16.99 17.63 20.95
N ASN E 273 -17.22 16.32 21.10
CA ASN E 273 -16.70 15.53 22.20
C ASN E 273 -15.84 14.40 21.65
N LEU E 274 -14.58 14.34 22.10
CA LEU E 274 -13.69 13.23 21.81
C LEU E 274 -13.86 12.18 22.90
N VAL E 275 -14.09 10.93 22.51
CA VAL E 275 -14.36 9.86 23.47
C VAL E 275 -13.06 9.09 23.69
N HIS E 276 -12.56 9.08 24.92
CA HIS E 276 -11.39 8.30 25.28
C HIS E 276 -11.84 7.07 26.06
N PHE E 277 -11.59 5.89 25.51
CA PHE E 277 -12.02 4.67 26.17
C PHE E 277 -11.01 4.33 27.25
N ASN E 278 -11.51 4.17 28.47
CA ASN E 278 -10.62 4.03 29.62
C ASN E 278 -9.92 2.69 29.61
N GLN E 279 -8.66 2.71 29.95
CA GLN E 279 -7.71 1.64 29.93
C GLN E 279 -7.40 1.25 31.36
N PRO E 280 -7.00 0.00 31.62
CA PRO E 280 -6.49 -0.34 32.95
C PRO E 280 -5.10 0.26 33.14
N LYS E 281 -4.61 0.12 34.37
CA LYS E 281 -3.24 0.51 34.70
C LYS E 281 -2.59 -0.61 35.50
N ALA E 282 -1.27 -0.61 35.47
CA ALA E 282 -0.49 -1.63 36.17
C ALA E 282 0.86 -1.08 36.66
N SER F 35 -30.61 32.86 5.33
CA SER F 35 -30.22 31.54 4.83
C SER F 35 -29.16 30.88 5.73
N ASN F 36 -28.53 31.69 6.58
CA ASN F 36 -27.59 31.14 7.56
C ASN F 36 -28.31 30.29 8.60
N GLU F 37 -29.40 30.81 9.18
CA GLU F 37 -30.16 30.02 10.15
C GLU F 37 -30.78 28.80 9.47
N GLU F 38 -31.19 28.96 8.22
CA GLU F 38 -31.70 27.85 7.41
C GLU F 38 -30.70 26.72 7.38
N LEU F 39 -29.45 27.05 7.04
CA LEU F 39 -28.39 26.06 6.95
C LEU F 39 -28.05 25.49 8.33
N GLU F 40 -28.05 26.32 9.37
CA GLU F 40 -27.71 25.81 10.71
C GLU F 40 -28.72 24.77 11.18
N LYS F 41 -30.00 25.06 11.02
CA LYS F 41 -31.03 24.09 11.38
C LYS F 41 -30.89 22.82 10.54
N GLU F 42 -30.66 22.96 9.23
CA GLU F 42 -30.51 21.79 8.38
C GLU F 42 -29.32 20.92 8.82
N LEU F 43 -28.20 21.57 9.14
CA LEU F 43 -26.99 20.84 9.50
C LEU F 43 -27.13 20.16 10.85
N ASN F 44 -27.79 20.81 11.81
CA ASN F 44 -27.99 20.15 13.10
C ASN F 44 -28.99 18.99 12.99
N ARG F 45 -29.99 19.12 12.12
CA ARG F 45 -30.88 17.99 11.86
C ARG F 45 -30.10 16.80 11.31
N TYR F 46 -29.25 17.05 10.31
CA TYR F 46 -28.44 15.97 9.74
C TYR F 46 -27.49 15.37 10.78
N ALA F 47 -26.90 16.22 11.63
CA ALA F 47 -25.99 15.73 12.66
C ALA F 47 -26.69 14.83 13.66
N LYS F 48 -27.90 15.21 14.10
CA LYS F 48 -28.65 14.34 15.00
C LYS F 48 -29.09 13.05 14.31
N ALA F 49 -29.42 13.12 13.02
CA ALA F 49 -29.78 11.90 12.29
C ALA F 49 -28.59 10.95 12.23
N VAL F 50 -27.40 11.48 11.93
CA VAL F 50 -26.19 10.67 11.87
C VAL F 50 -25.84 10.11 13.24
N GLY F 51 -25.95 10.92 14.29
CA GLY F 51 -25.63 10.44 15.62
C GLY F 51 -26.51 9.30 16.07
N SER F 52 -27.76 9.29 15.62
CA SER F 52 -28.74 8.26 15.99
C SER F 52 -28.61 6.96 15.20
N LEU F 53 -27.69 6.88 14.24
CA LEU F 53 -27.47 5.66 13.48
C LEU F 53 -26.62 4.69 14.27
N GLU F 54 -26.90 3.39 14.14
CA GLU F 54 -25.99 2.40 14.70
C GLU F 54 -24.59 2.64 14.15
N THR F 55 -23.62 2.75 15.05
CA THR F 55 -22.28 3.17 14.63
C THR F 55 -21.63 2.19 13.66
N ALA F 56 -22.25 1.04 13.39
CA ALA F 56 -21.72 0.12 12.39
C ALA F 56 -22.01 0.60 10.98
N TYR F 57 -23.06 1.41 10.81
CA TYR F 57 -23.38 2.02 9.53
C TYR F 57 -22.49 3.21 9.22
N LYS F 58 -21.61 3.58 10.15
CA LYS F 58 -20.79 4.77 9.97
C LYS F 58 -19.92 4.70 8.71
N PRO F 59 -19.26 3.58 8.38
CA PRO F 59 -18.44 3.53 7.16
C PRO F 59 -19.21 3.73 5.86
N PHE F 60 -20.52 3.51 5.85
CA PHE F 60 -21.27 3.64 4.61
C PHE F 60 -21.68 5.09 4.32
N LEU F 61 -21.61 5.98 5.30
CA LEU F 61 -22.01 7.35 5.07
C LEU F 61 -21.09 8.06 4.10
N ALA F 62 -19.80 7.74 4.13
CA ALA F 62 -18.83 8.44 3.31
C ALA F 62 -19.20 8.36 1.82
N SER F 63 -19.45 7.15 1.32
CA SER F 63 -19.68 6.99 -0.11
C SER F 63 -21.08 7.41 -0.54
N SER F 64 -22.02 7.62 0.38
CA SER F 64 -23.33 8.11 0.00
C SER F 64 -23.35 9.60 -0.29
N ALA F 65 -22.27 10.31 0.03
CA ALA F 65 -22.20 11.71 -0.34
C ALA F 65 -22.22 11.86 -1.86
N LEU F 66 -23.00 12.81 -2.35
CA LEU F 66 -23.12 13.04 -3.78
C LEU F 66 -22.02 13.96 -4.26
N VAL F 67 -21.46 13.62 -5.42
CA VAL F 67 -20.40 14.39 -6.06
C VAL F 67 -21.02 15.22 -7.19
N PRO F 68 -20.70 16.51 -7.29
CA PRO F 68 -21.21 17.30 -8.42
C PRO F 68 -20.81 16.64 -9.75
N THR F 69 -21.81 16.42 -10.60
CA THR F 69 -21.64 15.58 -11.78
C THR F 69 -22.52 16.08 -12.92
N THR F 70 -21.91 16.43 -14.07
CA THR F 70 -22.69 16.71 -15.27
C THR F 70 -23.18 15.42 -15.91
N PRO F 71 -24.25 15.48 -16.72
CA PRO F 71 -24.70 14.26 -17.41
C PRO F 71 -23.64 13.65 -18.30
N THR F 72 -22.82 14.49 -18.93
CA THR F 72 -21.78 13.99 -19.80
C THR F 72 -20.72 13.25 -18.99
N ALA F 73 -20.34 13.82 -17.84
CA ALA F 73 -19.41 13.13 -16.96
C ALA F 73 -19.94 11.77 -16.54
N PHE F 74 -21.24 11.70 -16.24
CA PHE F 74 -21.85 10.42 -15.89
C PHE F 74 -21.70 9.43 -17.04
N GLN F 75 -21.99 9.86 -18.28
CA GLN F 75 -21.87 8.95 -19.41
C GLN F 75 -20.44 8.47 -19.63
N ASN F 76 -19.47 9.38 -19.47
CA ASN F 76 -18.08 8.98 -19.64
C ASN F 76 -17.69 7.93 -18.59
N GLU F 77 -18.09 8.15 -17.34
CA GLU F 77 -17.80 7.18 -16.30
C GLU F 77 -18.51 5.86 -16.56
N LEU F 78 -19.75 5.92 -17.05
CA LEU F 78 -20.49 4.70 -17.39
C LEU F 78 -19.75 3.89 -18.45
N LYS F 79 -19.32 4.57 -19.52
CA LYS F 79 -18.65 3.86 -20.60
C LYS F 79 -17.30 3.33 -20.16
N THR F 80 -16.59 4.08 -19.30
CA THR F 80 -15.30 3.57 -18.82
C THR F 80 -15.49 2.36 -17.91
N PHE F 81 -16.44 2.43 -16.98
CA PHE F 81 -16.71 1.26 -16.14
C PHE F 81 -17.08 0.07 -17.00
N ARG F 82 -17.88 0.28 -18.04
CA ARG F 82 -18.26 -0.83 -18.91
C ARG F 82 -17.04 -1.40 -19.64
N ASP F 83 -16.16 -0.54 -20.13
CA ASP F 83 -14.96 -1.01 -20.80
C ASP F 83 -14.10 -1.83 -19.86
N SER F 84 -13.86 -1.28 -18.65
CA SER F 84 -13.07 -2.01 -17.65
C SER F 84 -13.69 -3.34 -17.33
N LEU F 85 -15.01 -3.37 -17.15
CA LEU F 85 -15.67 -4.62 -16.79
C LEU F 85 -15.56 -5.64 -17.89
N ILE F 86 -15.75 -5.21 -19.15
CA ILE F 86 -15.65 -6.13 -20.28
C ILE F 86 -14.22 -6.70 -20.35
N SER F 87 -13.22 -5.84 -20.14
CA SER F 87 -11.84 -6.31 -20.18
C SER F 87 -11.54 -7.28 -19.04
N SER F 88 -12.00 -6.96 -17.83
CA SER F 88 -11.79 -7.84 -16.68
C SER F 88 -12.45 -9.21 -16.91
N CYS F 89 -13.67 -9.20 -17.44
CA CYS F 89 -14.37 -10.46 -17.69
C CYS F 89 -13.67 -11.26 -18.78
N LYS F 90 -13.14 -10.59 -19.80
CA LYS F 90 -12.32 -11.29 -20.79
C LYS F 90 -11.10 -11.94 -20.15
N LYS F 91 -10.36 -11.18 -19.34
CA LYS F 91 -9.16 -11.73 -18.72
C LYS F 91 -9.49 -12.90 -17.78
N LYS F 92 -10.63 -12.83 -17.10
CA LYS F 92 -11.01 -13.83 -16.11
C LYS F 92 -11.78 -15.00 -16.71
N ASN F 93 -11.98 -15.00 -18.02
CA ASN F 93 -12.72 -16.07 -18.70
C ASN F 93 -14.14 -16.13 -18.16
N ILE F 94 -14.78 -14.97 -18.07
CA ILE F 94 -16.17 -14.86 -17.65
C ILE F 94 -16.94 -14.24 -18.82
N LEU F 95 -17.96 -14.95 -19.28
CA LEU F 95 -18.82 -14.39 -20.30
C LEU F 95 -19.71 -13.32 -19.69
N ILE F 96 -19.91 -12.24 -20.42
CA ILE F 96 -20.78 -11.18 -19.96
C ILE F 96 -21.59 -10.69 -21.16
N THR F 97 -22.91 -10.82 -21.06
CA THR F 97 -23.79 -10.35 -22.11
C THR F 97 -23.68 -8.83 -22.23
N ASP F 98 -24.09 -8.32 -23.39
CA ASP F 98 -23.99 -6.89 -23.61
C ASP F 98 -24.92 -6.14 -22.66
N THR F 99 -26.02 -6.78 -22.23
CA THR F 99 -26.98 -6.11 -21.35
C THR F 99 -26.41 -5.94 -19.94
N SER F 100 -25.73 -6.95 -19.42
CA SER F 100 -25.06 -6.83 -18.12
C SER F 100 -24.03 -5.73 -18.13
N SER F 101 -23.21 -5.66 -19.19
CA SER F 101 -22.04 -4.80 -19.20
C SER F 101 -22.38 -3.32 -19.05
N TRP F 102 -23.64 -2.93 -19.20
CA TRP F 102 -24.00 -1.56 -18.95
C TRP F 102 -24.37 -1.32 -17.50
N LEU F 103 -24.28 -2.36 -16.67
CA LEU F 103 -24.40 -2.23 -15.23
C LEU F 103 -25.76 -1.67 -14.82
N GLY F 104 -26.79 -2.00 -15.60
CA GLY F 104 -28.12 -1.52 -15.31
C GLY F 104 -28.42 -0.12 -15.79
N PHE F 105 -27.53 0.46 -16.59
CA PHE F 105 -27.72 1.82 -17.11
C PHE F 105 -27.71 1.84 -18.64
N GLN F 106 -28.02 0.70 -19.28
CA GLN F 106 -28.07 0.64 -20.75
C GLN F 106 -28.97 1.72 -21.29
N VAL F 107 -29.95 2.12 -20.50
CA VAL F 107 -30.88 3.19 -20.83
C VAL F 107 -30.13 4.46 -21.24
N TYR F 108 -28.93 4.66 -20.73
CA TYR F 108 -28.18 5.88 -20.98
C TYR F 108 -26.95 5.65 -21.85
N SER F 109 -26.87 4.51 -22.54
CA SER F 109 -25.67 4.23 -23.33
C SER F 109 -25.47 5.26 -24.43
N THR F 110 -26.54 5.81 -24.99
CA THR F 110 -26.43 6.90 -25.95
C THR F 110 -27.14 8.17 -25.50
N GLN F 111 -28.23 8.07 -24.75
CA GLN F 111 -28.94 9.25 -24.26
C GLN F 111 -28.44 9.68 -22.88
N ALA F 112 -28.07 10.95 -22.78
CA ALA F 112 -27.62 11.47 -21.50
C ALA F 112 -28.77 11.61 -20.51
N PRO F 113 -28.52 11.44 -19.21
CA PRO F 113 -29.56 11.62 -18.19
C PRO F 113 -29.84 13.10 -17.95
N SER F 114 -30.84 13.35 -17.11
CA SER F 114 -31.22 14.71 -16.75
C SER F 114 -30.14 15.36 -15.90
N VAL F 115 -30.11 16.70 -15.92
CA VAL F 115 -29.16 17.43 -15.10
C VAL F 115 -29.40 17.16 -13.61
N GLN F 116 -30.67 17.04 -13.22
CA GLN F 116 -31.01 16.87 -11.81
C GLN F 116 -30.72 15.47 -11.28
N ALA F 117 -30.70 14.46 -12.15
CA ALA F 117 -30.54 13.08 -11.71
C ALA F 117 -29.11 12.58 -11.74
N ALA F 118 -28.16 13.42 -12.18
CA ALA F 118 -26.80 12.96 -12.46
C ALA F 118 -26.07 12.50 -11.20
N SER F 119 -26.14 13.30 -10.11
CA SER F 119 -25.48 12.93 -8.85
C SER F 119 -25.94 11.57 -8.36
N THR F 120 -27.25 11.39 -8.23
CA THR F 120 -27.80 10.17 -7.68
C THR F 120 -27.47 8.97 -8.58
N LEU F 121 -27.58 9.16 -9.88
CA LEU F 121 -27.20 8.07 -10.79
C LEU F 121 -25.73 7.74 -10.65
N GLY F 122 -24.89 8.75 -10.42
CA GLY F 122 -23.47 8.48 -10.23
C GLY F 122 -23.20 7.67 -8.98
N PHE F 123 -23.89 8.00 -7.89
CA PHE F 123 -23.81 7.17 -6.69
C PHE F 123 -24.20 5.74 -6.98
N GLU F 124 -25.37 5.54 -7.62
CA GLU F 124 -25.82 4.18 -7.86
C GLU F 124 -24.88 3.42 -8.80
N LEU F 125 -24.32 4.12 -9.78
CA LEU F 125 -23.41 3.48 -10.73
C LEU F 125 -22.12 3.08 -10.04
N LYS F 126 -21.55 3.97 -9.21
CA LYS F 126 -20.36 3.60 -8.46
C LYS F 126 -20.63 2.39 -7.58
N ALA F 127 -21.79 2.36 -6.90
CA ALA F 127 -22.13 1.24 -6.04
C ALA F 127 -22.26 -0.05 -6.83
N ILE F 128 -23.03 -0.03 -7.92
CA ILE F 128 -23.28 -1.24 -8.70
C ILE F 128 -21.98 -1.74 -9.33
N ASN F 129 -21.13 -0.81 -9.76
CA ASN F 129 -19.84 -1.17 -10.32
C ASN F 129 -18.98 -1.89 -9.28
N SER F 130 -18.93 -1.33 -8.07
CA SER F 130 -18.20 -1.99 -6.99
C SER F 130 -18.73 -3.39 -6.76
N LEU F 131 -20.06 -3.53 -6.71
CA LEU F 131 -20.67 -4.83 -6.45
C LEU F 131 -20.35 -5.83 -7.55
N VAL F 132 -20.45 -5.40 -8.81
CA VAL F 132 -20.23 -6.31 -9.93
C VAL F 132 -18.77 -6.73 -10.01
N ASN F 133 -17.84 -5.81 -9.73
CA ASN F 133 -16.43 -6.18 -9.71
C ASN F 133 -16.14 -7.15 -8.58
N LYS F 134 -16.77 -6.96 -7.42
CA LYS F 134 -16.63 -7.94 -6.34
C LYS F 134 -17.14 -9.31 -6.78
N LEU F 135 -18.30 -9.34 -7.46
CA LEU F 135 -18.85 -10.60 -7.96
C LEU F 135 -17.94 -11.24 -8.99
N ALA F 136 -17.23 -10.43 -9.78
CA ALA F 136 -16.34 -10.96 -10.80
C ALA F 136 -15.17 -11.74 -10.22
N GLU F 137 -14.91 -11.62 -8.90
CA GLU F 137 -13.83 -12.35 -8.26
C GLU F 137 -14.26 -13.71 -7.69
N CYS F 138 -15.52 -14.10 -7.84
CA CYS F 138 -16.03 -15.27 -7.14
C CYS F 138 -15.92 -16.56 -7.94
N GLY F 139 -15.28 -16.52 -9.11
CA GLY F 139 -15.15 -17.70 -9.94
C GLY F 139 -16.41 -18.06 -10.68
N LEU F 140 -17.28 -17.08 -10.93
CA LEU F 140 -18.44 -17.33 -11.77
C LEU F 140 -18.01 -17.71 -13.18
N SER F 141 -18.98 -18.13 -13.97
CA SER F 141 -18.76 -18.44 -15.37
C SER F 141 -19.56 -17.57 -16.32
N LYS F 142 -20.64 -16.92 -15.88
CA LYS F 142 -21.34 -16.03 -16.79
C LYS F 142 -22.09 -14.95 -16.01
N PHE F 143 -22.03 -13.71 -16.50
CA PHE F 143 -22.90 -12.62 -16.06
C PHE F 143 -24.05 -12.51 -17.05
N ILE F 144 -25.28 -12.75 -16.60
CA ILE F 144 -26.42 -12.85 -17.50
C ILE F 144 -27.24 -11.56 -17.54
N LYS F 145 -27.56 -10.99 -16.37
CA LYS F 145 -28.46 -9.84 -16.36
C LYS F 145 -28.13 -8.93 -15.19
N VAL F 146 -28.19 -7.63 -15.43
CA VAL F 146 -28.11 -6.61 -14.38
C VAL F 146 -29.26 -5.64 -14.63
N TYR F 147 -30.39 -5.88 -13.97
CA TYR F 147 -31.60 -5.07 -14.16
C TYR F 147 -31.75 -4.08 -13.02
N ARG F 148 -32.02 -2.82 -13.37
CA ARG F 148 -32.05 -1.72 -12.42
C ARG F 148 -33.30 -0.88 -12.62
N PRO F 149 -34.35 -1.06 -11.82
CA PRO F 149 -35.53 -0.21 -11.95
C PRO F 149 -35.16 1.26 -11.77
N GLN F 150 -35.81 2.12 -12.54
CA GLN F 150 -35.46 3.53 -12.53
C GLN F 150 -35.88 4.18 -11.21
N LEU F 151 -35.11 5.17 -10.81
CA LEU F 151 -35.35 5.91 -9.58
C LEU F 151 -36.39 7.01 -9.83
N PRO F 152 -37.01 7.52 -8.76
CA PRO F 152 -37.96 8.62 -8.92
C PRO F 152 -37.41 9.83 -9.66
N ILE F 153 -36.17 10.23 -9.37
CA ILE F 153 -35.62 11.47 -9.90
C ILE F 153 -35.34 11.41 -11.40
N GLU F 154 -35.31 10.22 -12.00
CA GLU F 154 -35.04 10.13 -13.43
C GLU F 154 -36.24 10.56 -14.28
N THR F 155 -37.43 10.09 -13.92
CA THR F 155 -38.67 10.43 -14.65
C THR F 155 -39.58 11.16 -13.68
N PRO F 156 -39.62 12.49 -13.71
CA PRO F 156 -40.45 13.23 -12.75
C PRO F 156 -41.93 12.85 -12.84
N ALA F 157 -42.60 12.90 -11.68
CA ALA F 157 -44.01 12.50 -11.59
C ALA F 157 -44.93 13.47 -12.32
N ALA F 169 -36.64 10.82 5.44
CA ALA F 169 -36.21 9.49 5.83
C ALA F 169 -34.72 9.46 6.17
N PRO F 170 -34.31 8.52 7.03
CA PRO F 170 -32.87 8.38 7.32
C PRO F 170 -32.06 7.82 6.16
N TRP F 171 -32.68 6.96 5.35
CA TRP F 171 -32.04 6.38 4.18
C TRP F 171 -33.13 5.96 3.19
N THR F 172 -32.73 5.76 1.94
CA THR F 172 -33.65 5.40 0.86
C THR F 172 -33.14 4.16 0.15
N PRO F 173 -34.01 3.17 -0.12
CA PRO F 173 -33.59 2.02 -0.91
C PRO F 173 -33.71 2.24 -2.41
N MET F 174 -32.81 1.57 -3.13
CA MET F 174 -32.76 1.58 -4.60
C MET F 174 -32.72 0.14 -5.06
N PRO F 175 -33.73 -0.35 -5.76
CA PRO F 175 -33.78 -1.79 -6.06
C PRO F 175 -32.86 -2.15 -7.21
N LEU F 176 -32.42 -3.40 -7.21
CA LEU F 176 -31.77 -3.93 -8.41
C LEU F 176 -31.80 -5.45 -8.36
N GLU F 177 -31.59 -6.06 -9.52
CA GLU F 177 -31.57 -7.51 -9.62
C GLU F 177 -30.44 -7.92 -10.56
N ILE F 178 -29.65 -8.91 -10.13
CA ILE F 178 -28.57 -9.44 -10.94
C ILE F 178 -28.84 -10.91 -11.18
N ALA F 179 -28.31 -11.42 -12.28
CA ALA F 179 -28.43 -12.82 -12.61
C ALA F 179 -27.09 -13.29 -13.14
N PHE F 180 -26.67 -14.47 -12.71
CA PHE F 180 -25.39 -14.99 -13.15
C PHE F 180 -25.45 -16.51 -13.14
N GLN F 181 -24.33 -17.11 -13.54
CA GLN F 181 -24.24 -18.56 -13.68
C GLN F 181 -22.88 -19.02 -13.19
N GLY F 182 -22.91 -20.08 -12.37
CA GLY F 182 -21.67 -20.66 -11.87
C GLY F 182 -21.98 -21.85 -11.00
N ASP F 183 -20.91 -22.47 -10.50
CA ASP F 183 -21.07 -23.62 -9.61
C ASP F 183 -21.47 -23.14 -8.21
N ARG F 184 -21.69 -24.11 -7.31
CA ARG F 184 -22.17 -23.79 -5.96
C ARG F 184 -21.16 -22.96 -5.20
N GLU F 185 -19.88 -23.33 -5.30
CA GLU F 185 -18.80 -22.64 -4.62
C GLU F 185 -18.82 -21.15 -4.94
N SER F 186 -18.99 -20.81 -6.22
CA SER F 186 -19.02 -19.42 -6.64
C SER F 186 -20.26 -18.69 -6.14
N VAL F 187 -21.40 -19.38 -6.03
CA VAL F 187 -22.60 -18.71 -5.52
C VAL F 187 -22.43 -18.36 -4.05
N LEU F 188 -21.83 -19.30 -3.29
CA LEU F 188 -21.54 -19.00 -1.88
C LEU F 188 -20.58 -17.83 -1.76
N LYS F 189 -19.54 -17.83 -2.59
CA LYS F 189 -18.60 -16.71 -2.61
C LYS F 189 -19.31 -15.39 -2.93
N ALA F 190 -20.29 -15.44 -3.83
CA ALA F 190 -21.03 -14.23 -4.18
C ALA F 190 -21.84 -13.72 -3.00
N MET F 191 -22.52 -14.63 -2.29
CA MET F 191 -23.25 -14.24 -1.07
C MET F 191 -22.32 -13.53 -0.09
N ASN F 192 -21.17 -14.17 0.19
CA ASN F 192 -20.22 -13.59 1.13
C ASN F 192 -19.72 -12.24 0.65
N ALA F 193 -19.44 -12.13 -0.65
CA ALA F 193 -18.91 -10.90 -1.22
C ALA F 193 -19.91 -9.76 -1.07
N ILE F 194 -21.19 -10.03 -1.32
CA ILE F 194 -22.22 -9.01 -1.14
C ILE F 194 -22.24 -8.52 0.31
N THR F 195 -22.33 -9.45 1.27
CA THR F 195 -22.49 -9.00 2.66
C THR F 195 -21.22 -8.33 3.22
N GLY F 196 -20.04 -8.76 2.79
CA GLY F 196 -18.82 -8.18 3.35
C GLY F 196 -18.47 -6.80 2.84
N MET F 197 -19.33 -6.24 2.00
CA MET F 197 -19.04 -4.96 1.37
C MET F 197 -18.92 -3.87 2.43
N GLN F 198 -17.83 -3.09 2.36
CA GLN F 198 -17.61 -2.03 3.34
C GLN F 198 -17.86 -0.64 2.78
N ASP F 199 -17.93 -0.50 1.46
CA ASP F 199 -18.11 0.80 0.83
C ASP F 199 -19.58 1.10 0.53
N TYR F 200 -20.38 0.09 0.15
CA TYR F 200 -21.78 0.28 -0.14
C TYR F 200 -22.58 -0.85 0.51
N LEU F 201 -23.78 -0.51 0.98
CA LEU F 201 -24.62 -1.46 1.70
C LEU F 201 -25.67 -2.05 0.75
N PHE F 202 -25.49 -3.32 0.38
CA PHE F 202 -26.47 -4.08 -0.38
C PHE F 202 -27.11 -5.12 0.52
N THR F 203 -28.44 -5.11 0.59
CA THR F 203 -29.20 -6.10 1.34
C THR F 203 -29.85 -7.08 0.37
N VAL F 204 -29.98 -8.33 0.80
CA VAL F 204 -30.49 -9.40 -0.05
C VAL F 204 -31.97 -9.57 0.23
N ASN F 205 -32.80 -9.30 -0.77
CA ASN F 205 -34.23 -9.57 -0.65
C ASN F 205 -34.57 -11.01 -1.01
N SER F 206 -33.98 -11.55 -2.08
CA SER F 206 -34.31 -12.93 -2.40
C SER F 206 -33.27 -13.55 -3.34
N ILE F 207 -33.17 -14.88 -3.25
CA ILE F 207 -32.31 -15.67 -4.13
C ILE F 207 -33.15 -16.74 -4.80
N ARG F 208 -32.95 -16.91 -6.11
CA ARG F 208 -33.67 -17.90 -6.91
C ARG F 208 -32.68 -18.76 -7.68
N ILE F 209 -32.90 -20.07 -7.68
CA ILE F 209 -32.05 -21.03 -8.38
C ILE F 209 -32.89 -21.69 -9.45
N ARG F 210 -32.42 -21.66 -10.70
CA ARG F 210 -33.16 -22.24 -11.82
C ARG F 210 -32.28 -23.23 -12.59
N GLU F 264 -20.31 -28.55 -13.09
CA GLU F 264 -21.70 -28.37 -12.69
C GLU F 264 -22.01 -26.89 -12.56
N GLN F 265 -23.16 -26.46 -13.07
CA GLN F 265 -23.42 -25.03 -13.22
C GLN F 265 -24.89 -24.75 -12.91
N VAL F 266 -25.15 -23.65 -12.19
CA VAL F 266 -26.51 -23.24 -11.85
C VAL F 266 -26.72 -21.77 -12.22
N PHE F 267 -27.99 -21.45 -12.45
CA PHE F 267 -28.44 -20.11 -12.82
C PHE F 267 -29.06 -19.47 -11.59
N VAL F 268 -28.47 -18.35 -11.15
CA VAL F 268 -28.86 -17.67 -9.92
C VAL F 268 -29.41 -16.30 -10.27
N GLN F 269 -30.48 -15.92 -9.59
CA GLN F 269 -31.00 -14.56 -9.63
C GLN F 269 -31.09 -14.01 -8.22
N VAL F 270 -30.53 -12.83 -8.01
CA VAL F 270 -30.48 -12.19 -6.71
C VAL F 270 -31.21 -10.86 -6.81
N SER F 271 -32.21 -10.67 -5.97
CA SER F 271 -32.93 -9.41 -5.85
C SER F 271 -32.42 -8.69 -4.60
N LEU F 272 -31.94 -7.46 -4.79
CA LEU F 272 -31.17 -6.69 -3.82
C LEU F 272 -31.74 -5.28 -3.65
N ASN F 273 -31.44 -4.69 -2.49
CA ASN F 273 -31.69 -3.28 -2.24
C ASN F 273 -30.37 -2.59 -1.91
N LEU F 274 -30.03 -1.54 -2.66
CA LEU F 274 -28.91 -0.69 -2.32
C LEU F 274 -29.41 0.43 -1.42
N VAL F 275 -28.75 0.65 -0.29
CA VAL F 275 -29.21 1.64 0.67
C VAL F 275 -28.41 2.90 0.47
N HIS F 276 -29.08 4.00 0.12
CA HIS F 276 -28.44 5.30 -0.02
C HIS F 276 -28.81 6.12 1.20
N PHE F 277 -27.81 6.51 1.98
CA PHE F 277 -28.07 7.30 3.17
C PHE F 277 -28.25 8.75 2.76
N ASN F 278 -29.38 9.33 3.16
CA ASN F 278 -29.80 10.62 2.63
C ASN F 278 -28.90 11.74 3.13
N GLN F 279 -28.56 12.65 2.22
CA GLN F 279 -27.64 13.74 2.46
C GLN F 279 -28.39 15.07 2.50
N PRO F 280 -27.88 16.06 3.24
CA PRO F 280 -28.44 17.41 3.16
C PRO F 280 -28.05 18.15 1.89
#